data_6NOT
#
_entry.id   6NOT
#
_cell.length_a   57.670
_cell.length_b   79.560
_cell.length_c   95.470
_cell.angle_alpha   103.850
_cell.angle_beta   95.320
_cell.angle_gamma   92.170
#
_symmetry.space_group_name_H-M   'P 1'
#
loop_
_entity.id
_entity.type
_entity.pdbx_description
1 polymer 'Elongation factor G'
2 water water
#
_entity_poly.entity_id   1
_entity_poly.type   'polypeptide(L)'
_entity_poly.pdbx_seq_one_letter_code
;MAHHHHHHMSKINKLEQIRNIGICAHIDAGKTTTTERILYYTGKSHKIGEVHEGGATMDWMEQEQERGITITSAATTCRW
QDKVINIIDTPGHVDFTIEVERSLRVLDGAVAVFDGVAGVEPQSETVWRQADKYNVPRMCFVNKMDRMGADFYRCVEMIK
DRLGARSLIIQLPIGIEENFKGIVNLIKMKAVIWKDESLGAEYFEEDIPADMQDKAAEYRARLLDMVVELDDTIMEQYLS
GAEITEEQIKILIRKGTIEARFYPILCGSAFKNKGVQPLLDAIVDFLPSPIDIGIVKGIEVSTSEEKDFPISIVEPFSAL
AFKIMNDPFVGSLTFIRIYSGKITSGATVINTVKNKREKIGRMLLMHANNREDIKEASAGDIVALAGLKDTSTGDTLSDI
DKQVVLERMEFPEPVIELAVEPKSTADQEKMGLALSRLAAEDPSFRVSTDHETGQTVIKGMGELHLEIIIDRMRREFKVE
ANIGAPQVAYRETITTACEIDYTHKKQSGGAGQFARVKIIFEPLKDVIDLKDEDKNKTFVFESKIVGGAVPKEYIPGVEK
GLNNIRETGVIAGYPMIDFKATLVDGAFHDVDSSVLAFEIAAKGAFREGMQKGNPKLLEPIMKVEVITPDEYMGDIIGDL
NSRRGQIQNMDPRGNAQVVTAHVPLAEMFGYVNTLRSLSQGRAQFSMIFSHYDQVPSQVADMIKAKK
;
_entity_poly.pdbx_strand_id   A,B
#
# COMPACT_ATOMS: atom_id res chain seq x y z
N ASN A 13 36.84 17.30 -4.13
CA ASN A 13 38.05 16.78 -3.49
C ASN A 13 38.30 15.34 -3.89
N LYS A 14 39.56 15.02 -4.22
CA LYS A 14 39.89 13.65 -4.59
C LYS A 14 39.60 12.68 -3.45
N LEU A 15 39.77 13.13 -2.21
CA LEU A 15 39.71 12.22 -1.08
C LEU A 15 38.30 11.67 -0.88
N GLU A 16 37.28 12.48 -1.14
CA GLU A 16 35.90 12.02 -0.98
C GLU A 16 35.49 10.99 -2.04
N GLN A 17 36.24 10.91 -3.15
CA GLN A 17 35.90 9.99 -4.22
C GLN A 17 36.45 8.58 -4.01
N ILE A 18 37.21 8.34 -2.96
CA ILE A 18 37.85 7.05 -2.73
C ILE A 18 36.89 6.14 -1.97
N ARG A 19 36.97 4.85 -2.29
CA ARG A 19 36.30 3.78 -1.56
C ARG A 19 37.33 2.68 -1.34
N ASN A 20 37.74 2.49 -0.10
CA ASN A 20 38.66 1.44 0.28
C ASN A 20 37.83 0.31 0.88
N ILE A 21 37.86 -0.85 0.26
CA ILE A 21 36.94 -1.92 0.64
C ILE A 21 37.65 -3.25 0.67
N GLY A 22 37.08 -4.16 1.45
CA GLY A 22 37.33 -5.58 1.32
C GLY A 22 36.05 -6.27 0.87
N ILE A 23 36.22 -7.38 0.16
CA ILE A 23 35.13 -8.28 -0.20
C ILE A 23 35.38 -9.56 0.59
N CYS A 24 34.61 -9.78 1.66
CA CYS A 24 34.84 -10.92 2.54
C CYS A 24 33.95 -12.08 2.09
N ALA A 25 34.55 -13.09 1.46
CA ALA A 25 33.79 -14.19 0.89
C ALA A 25 34.54 -15.50 1.07
N HIS A 26 33.81 -16.55 1.44
CA HIS A 26 34.38 -17.89 1.60
C HIS A 26 34.42 -18.63 0.26
N ILE A 27 35.18 -18.03 -0.67
CA ILE A 27 35.50 -18.56 -2.00
C ILE A 27 34.43 -19.49 -2.56
N ASP A 28 33.23 -18.94 -2.77
CA ASP A 28 32.10 -19.68 -3.34
C ASP A 28 31.83 -20.99 -2.59
N THR A 32 32.85 -18.69 -11.17
CA THR A 32 33.33 -17.31 -11.04
C THR A 32 32.84 -16.66 -9.72
N THR A 33 33.69 -15.85 -9.12
CA THR A 33 33.42 -15.25 -7.81
C THR A 33 32.86 -13.83 -7.97
N THR A 34 32.39 -13.29 -6.85
CA THR A 34 31.88 -11.92 -6.83
C THR A 34 32.97 -10.93 -7.20
N THR A 35 34.18 -11.13 -6.69
CA THR A 35 35.23 -10.16 -6.93
C THR A 35 35.67 -10.19 -8.39
N GLU A 36 35.66 -11.36 -9.02
CA GLU A 36 35.95 -11.44 -10.45
C GLU A 36 34.96 -10.59 -11.24
N ARG A 37 33.67 -10.70 -10.93
CA ARG A 37 32.65 -9.91 -11.62
C ARG A 37 32.86 -8.42 -11.37
N ILE A 38 33.23 -8.05 -10.14
CA ILE A 38 33.52 -6.66 -9.86
C ILE A 38 34.63 -6.16 -10.77
N LEU A 39 35.68 -6.96 -10.93
CA LEU A 39 36.84 -6.51 -11.71
C LEU A 39 36.53 -6.42 -13.19
N TYR A 40 35.67 -7.30 -13.71
CA TYR A 40 35.32 -7.20 -15.12
C TYR A 40 34.53 -5.93 -15.41
N TYR A 41 33.60 -5.57 -14.52
CA TYR A 41 32.69 -4.46 -14.81
C TYR A 41 33.34 -3.09 -14.73
N THR A 42 34.46 -2.94 -14.03
CA THR A 42 35.08 -1.63 -13.94
C THR A 42 35.88 -1.30 -15.19
N GLY A 43 36.58 -2.28 -15.76
CA GLY A 43 37.35 -2.03 -16.97
C GLY A 43 36.48 -1.59 -18.14
N LYS A 44 35.37 -2.28 -18.37
CA LYS A 44 34.45 -1.93 -19.45
C LYS A 44 33.73 -0.63 -19.12
N THR A 72 46.10 -11.63 -9.72
CA THR A 72 46.41 -11.81 -8.31
C THR A 72 47.15 -10.59 -7.77
N SER A 73 46.69 -10.05 -6.65
CA SER A 73 47.29 -8.84 -6.10
C SER A 73 46.87 -8.66 -4.65
N ALA A 74 47.75 -8.03 -3.86
CA ALA A 74 47.39 -7.66 -2.50
C ALA A 74 46.28 -6.62 -2.49
N ALA A 75 46.25 -5.74 -3.49
CA ALA A 75 45.19 -4.76 -3.64
C ALA A 75 45.01 -4.45 -5.12
N THR A 76 43.78 -4.19 -5.51
CA THR A 76 43.48 -3.89 -6.90
C THR A 76 42.65 -2.64 -6.98
N THR A 77 43.06 -1.71 -7.84
CA THR A 77 42.41 -0.41 -7.98
C THR A 77 41.57 -0.42 -9.25
N CYS A 78 40.31 0.01 -9.12
CA CYS A 78 39.40 0.10 -10.26
C CYS A 78 38.47 1.28 -10.04
N ARG A 79 37.60 1.51 -11.01
CA ARG A 79 36.72 2.68 -11.01
C ARG A 79 35.28 2.26 -11.27
N TRP A 80 34.36 2.95 -10.61
CA TRP A 80 32.93 2.79 -10.87
C TRP A 80 32.26 4.14 -10.63
N GLN A 81 31.25 4.44 -11.44
CA GLN A 81 30.68 5.77 -11.51
C GLN A 81 31.79 6.82 -11.53
N ASP A 82 31.91 7.62 -10.46
CA ASP A 82 32.96 8.63 -10.40
C ASP A 82 33.93 8.40 -9.25
N LYS A 83 34.00 7.16 -8.74
CA LYS A 83 34.80 6.83 -7.58
C LYS A 83 35.98 5.94 -7.96
N VAL A 84 37.06 6.07 -7.20
CA VAL A 84 38.20 5.16 -7.27
C VAL A 84 38.03 4.14 -6.16
N ILE A 85 37.89 2.88 -6.52
CA ILE A 85 37.69 1.80 -5.55
C ILE A 85 38.98 1.02 -5.42
N ASN A 86 39.42 0.81 -4.18
CA ASN A 86 40.63 0.04 -3.89
C ASN A 86 40.22 -1.22 -3.14
N ILE A 87 40.29 -2.37 -3.80
CA ILE A 87 39.86 -3.63 -3.23
C ILE A 87 41.03 -4.26 -2.51
N ILE A 88 40.96 -4.28 -1.19
CA ILE A 88 41.93 -4.99 -0.37
C ILE A 88 41.61 -6.47 -0.40
N ASP A 89 42.62 -7.28 -0.70
CA ASP A 89 42.48 -8.74 -0.59
C ASP A 89 42.49 -9.09 0.90
N THR A 90 41.30 -9.40 1.43
CA THR A 90 41.15 -9.77 2.84
C THR A 90 41.69 -11.17 3.16
N PRO A 91 41.53 -12.17 2.29
CA PRO A 91 42.12 -13.48 2.61
C PRO A 91 43.63 -13.37 2.71
N GLY A 92 44.20 -14.15 3.63
CA GLY A 92 45.63 -14.26 3.78
C GLY A 92 45.94 -15.55 4.50
N HIS A 93 46.65 -15.48 5.61
CA HIS A 93 46.72 -16.62 6.51
C HIS A 93 45.32 -17.02 6.97
N VAL A 94 44.43 -16.04 7.13
CA VAL A 94 42.99 -16.19 7.32
C VAL A 94 42.66 -16.59 8.76
N ASP A 95 43.63 -17.14 9.49
CA ASP A 95 43.44 -17.52 10.88
C ASP A 95 44.50 -16.95 11.81
N PHE A 96 45.45 -16.16 11.29
CA PHE A 96 46.57 -15.67 12.09
C PHE A 96 46.14 -14.60 13.10
N THR A 97 44.98 -13.97 12.90
CA THR A 97 44.39 -12.92 13.73
C THR A 97 45.03 -11.57 13.46
N ILE A 98 46.35 -11.48 13.66
CA ILE A 98 47.05 -10.21 13.44
C ILE A 98 46.78 -9.70 12.03
N GLU A 99 46.95 -10.57 11.03
CA GLU A 99 46.73 -10.17 9.65
C GLU A 99 45.29 -9.72 9.40
N VAL A 100 44.32 -10.36 10.07
CA VAL A 100 42.92 -9.98 9.84
C VAL A 100 42.66 -8.58 10.37
N GLU A 101 43.16 -8.26 11.57
CA GLU A 101 42.96 -6.93 12.13
C GLU A 101 43.66 -5.88 11.28
N ARG A 102 44.88 -6.19 10.82
CA ARG A 102 45.58 -5.26 9.92
C ARG A 102 44.85 -5.09 8.60
N SER A 103 44.17 -6.12 8.11
CA SER A 103 43.36 -5.94 6.91
C SER A 103 42.20 -5.00 7.18
N LEU A 104 41.58 -5.11 8.37
CA LEU A 104 40.42 -4.29 8.70
C LEU A 104 40.77 -2.81 8.95
N ARG A 105 42.03 -2.49 9.26
CA ARG A 105 42.39 -1.09 9.41
C ARG A 105 42.77 -0.44 8.10
N VAL A 106 43.19 -1.24 7.12
CA VAL A 106 43.54 -0.72 5.81
C VAL A 106 42.30 -0.38 5.01
N LEU A 107 41.31 -1.27 5.02
CA LEU A 107 40.07 -0.97 4.32
C LEU A 107 39.22 -0.05 5.20
N ASP A 108 38.27 0.63 4.55
CA ASP A 108 37.36 1.52 5.24
C ASP A 108 35.94 0.99 5.30
N GLY A 109 35.54 0.18 4.31
CA GLY A 109 34.26 -0.48 4.36
C GLY A 109 34.42 -1.90 3.86
N ALA A 110 33.39 -2.70 4.07
CA ALA A 110 33.47 -4.09 3.66
C ALA A 110 32.16 -4.50 3.00
N VAL A 111 32.27 -5.48 2.11
CA VAL A 111 31.13 -6.22 1.61
C VAL A 111 31.26 -7.64 2.14
N ALA A 112 30.33 -8.04 3.00
CA ALA A 112 30.25 -9.42 3.48
C ALA A 112 29.37 -10.23 2.54
N VAL A 113 29.95 -11.29 1.97
CA VAL A 113 29.28 -12.13 0.98
C VAL A 113 28.83 -13.40 1.67
N PHE A 114 27.53 -13.70 1.60
CA PHE A 114 26.98 -14.89 2.23
C PHE A 114 26.48 -15.87 1.19
N ASP A 115 26.82 -17.14 1.37
CA ASP A 115 26.35 -18.23 0.53
C ASP A 115 24.84 -18.34 0.64
N GLY A 116 24.12 -17.99 -0.43
CA GLY A 116 22.66 -18.00 -0.39
C GLY A 116 22.06 -19.32 -0.01
N VAL A 117 22.78 -20.42 -0.24
CA VAL A 117 22.29 -21.76 0.06
C VAL A 117 22.67 -22.19 1.47
N ALA A 118 23.88 -21.85 1.92
CA ALA A 118 24.34 -22.28 3.23
C ALA A 118 23.84 -21.36 4.33
N GLY A 119 23.74 -20.06 4.07
CA GLY A 119 23.40 -19.14 5.12
C GLY A 119 24.65 -18.61 5.79
N VAL A 120 24.58 -18.27 7.07
CA VAL A 120 25.72 -17.73 7.79
C VAL A 120 26.54 -18.90 8.33
N GLU A 121 27.81 -18.92 7.99
CA GLU A 121 28.67 -20.02 8.34
C GLU A 121 29.67 -19.61 9.42
N PRO A 122 30.14 -20.55 10.24
CA PRO A 122 31.15 -20.21 11.26
C PRO A 122 32.26 -19.31 10.74
N GLN A 123 32.83 -19.62 9.58
CA GLN A 123 33.93 -18.82 9.07
C GLN A 123 33.53 -17.37 8.86
N SER A 124 32.29 -17.13 8.41
CA SER A 124 31.87 -15.77 8.15
C SER A 124 31.50 -15.04 9.44
N GLU A 125 30.87 -15.75 10.37
CA GLU A 125 30.60 -15.18 11.69
C GLU A 125 31.88 -14.60 12.30
N THR A 126 32.95 -15.38 12.33
CA THR A 126 34.14 -14.97 13.06
C THR A 126 34.76 -13.71 12.46
N VAL A 127 34.76 -13.59 11.13
CA VAL A 127 35.25 -12.36 10.52
C VAL A 127 34.30 -11.21 10.81
N TRP A 128 32.99 -11.47 10.74
CA TRP A 128 32.01 -10.43 11.05
C TRP A 128 32.20 -9.90 12.46
N ARG A 129 32.52 -10.78 13.41
CA ARG A 129 32.79 -10.33 14.77
C ARG A 129 34.02 -9.44 14.82
N GLN A 130 35.08 -9.80 14.10
CA GLN A 130 36.27 -8.94 14.09
C GLN A 130 35.94 -7.58 13.50
N ALA A 131 35.11 -7.54 12.45
CA ALA A 131 34.70 -6.24 11.90
C ALA A 131 33.89 -5.44 12.90
N ASP A 132 33.10 -6.12 13.74
CA ASP A 132 32.38 -5.41 14.81
C ASP A 132 33.36 -4.70 15.73
N LYS A 133 34.50 -5.34 16.01
CA LYS A 133 35.52 -4.75 16.86
C LYS A 133 35.86 -3.34 16.42
N TYR A 134 36.02 -3.14 15.12
CA TYR A 134 36.42 -1.85 14.59
C TYR A 134 35.25 -1.05 14.03
N ASN A 135 34.01 -1.48 14.30
CA ASN A 135 32.82 -0.83 13.77
C ASN A 135 32.94 -0.57 12.26
N VAL A 136 33.41 -1.57 11.53
CA VAL A 136 33.61 -1.38 10.10
C VAL A 136 32.26 -1.25 9.41
N PRO A 137 32.02 -0.19 8.67
CA PRO A 137 30.80 -0.09 7.87
C PRO A 137 30.73 -1.22 6.84
N ARG A 138 29.59 -1.90 6.82
CA ARG A 138 29.45 -3.17 6.13
C ARG A 138 28.11 -3.24 5.39
N MET A 139 28.11 -3.92 4.25
CA MET A 139 26.90 -4.36 3.56
C MET A 139 26.98 -5.87 3.37
N CYS A 140 25.82 -6.51 3.28
CA CYS A 140 25.75 -7.95 3.04
C CYS A 140 25.24 -8.23 1.62
N PHE A 141 25.93 -9.11 0.91
CA PHE A 141 25.57 -9.52 -0.43
C PHE A 141 25.26 -11.01 -0.40
N VAL A 142 23.97 -11.36 -0.52
CA VAL A 142 23.54 -12.75 -0.43
C VAL A 142 23.71 -13.37 -1.81
N ASN A 143 24.71 -14.22 -1.95
CA ASN A 143 25.16 -14.67 -3.26
C ASN A 143 24.43 -15.96 -3.68
N LYS A 144 24.68 -16.39 -4.91
CA LYS A 144 24.26 -17.69 -5.42
C LYS A 144 22.74 -17.86 -5.37
N MET A 145 22.02 -16.77 -5.60
CA MET A 145 20.56 -16.83 -5.53
C MET A 145 19.94 -17.75 -6.58
N ASP A 146 20.74 -18.26 -7.53
CA ASP A 146 20.27 -19.19 -8.55
C ASP A 146 20.46 -20.65 -8.19
N ARG A 147 21.20 -20.97 -7.14
CA ARG A 147 21.51 -22.37 -6.87
C ARG A 147 20.37 -23.06 -6.14
N MET A 148 20.30 -24.38 -6.31
CA MET A 148 19.29 -25.20 -5.64
C MET A 148 19.35 -24.98 -4.13
N GLY A 149 18.20 -24.64 -3.55
CA GLY A 149 18.10 -24.37 -2.13
C GLY A 149 18.42 -22.95 -1.73
N ALA A 150 18.73 -22.06 -2.67
CA ALA A 150 19.02 -20.68 -2.33
C ALA A 150 17.81 -20.03 -1.68
N ASP A 151 18.00 -19.53 -0.46
CA ASP A 151 16.91 -18.95 0.33
C ASP A 151 17.38 -17.62 0.87
N PHE A 152 17.05 -16.54 0.16
CA PHE A 152 17.42 -15.20 0.60
C PHE A 152 16.89 -14.93 2.00
N TYR A 153 15.61 -15.23 2.24
CA TYR A 153 14.98 -14.82 3.49
C TYR A 153 15.48 -15.62 4.69
N ARG A 154 15.79 -16.90 4.50
CA ARG A 154 16.44 -17.65 5.56
C ARG A 154 17.81 -17.06 5.89
N CYS A 155 18.57 -16.69 4.86
CA CYS A 155 19.89 -16.11 5.08
C CYS A 155 19.78 -14.75 5.78
N VAL A 156 18.79 -13.94 5.42
CA VAL A 156 18.61 -12.66 6.11
C VAL A 156 18.27 -12.89 7.57
N GLU A 157 17.47 -13.92 7.85
CA GLU A 157 17.12 -14.22 9.23
C GLU A 157 18.36 -14.62 10.03
N MET A 158 19.28 -15.35 9.42
CA MET A 158 20.49 -15.73 10.14
C MET A 158 21.38 -14.52 10.39
N ILE A 159 21.50 -13.63 9.40
CA ILE A 159 22.23 -12.38 9.60
C ILE A 159 21.64 -11.61 10.77
N LYS A 160 20.32 -11.52 10.86
CA LYS A 160 19.68 -10.84 11.97
C LYS A 160 19.87 -11.61 13.27
N ASP A 161 19.69 -12.93 13.21
CA ASP A 161 19.69 -13.75 14.43
C ASP A 161 21.12 -14.11 14.86
N ARG A 162 21.84 -14.86 14.05
CA ARG A 162 23.13 -15.40 14.48
C ARG A 162 24.14 -14.30 14.73
N LEU A 163 24.18 -13.28 13.87
CA LEU A 163 25.13 -12.18 14.00
C LEU A 163 24.59 -11.01 14.83
N GLY A 164 23.29 -10.99 15.13
CA GLY A 164 22.72 -9.85 15.81
C GLY A 164 22.83 -8.54 15.06
N ALA A 165 22.98 -8.59 13.73
CA ALA A 165 23.13 -7.38 12.95
C ALA A 165 21.77 -6.76 12.61
N ARG A 166 21.70 -5.43 12.70
CA ARG A 166 20.51 -4.69 12.31
C ARG A 166 20.52 -4.56 10.79
N SER A 167 19.66 -5.32 10.13
CA SER A 167 19.70 -5.46 8.68
C SER A 167 18.77 -4.46 8.03
N LEU A 168 19.27 -3.79 7.00
CA LEU A 168 18.51 -2.85 6.19
C LEU A 168 18.35 -3.49 4.81
N ILE A 169 17.19 -4.10 4.58
CA ILE A 169 16.98 -4.83 3.32
C ILE A 169 16.58 -3.83 2.25
N ILE A 170 17.47 -3.57 1.30
CA ILE A 170 17.19 -2.66 0.20
C ILE A 170 16.94 -3.41 -1.10
N GLN A 171 16.79 -4.73 -1.05
CA GLN A 171 16.60 -5.53 -2.26
C GLN A 171 15.78 -6.75 -1.90
N LEU A 172 14.99 -7.21 -2.87
CA LEU A 172 14.29 -8.47 -2.78
C LEU A 172 14.61 -9.30 -4.02
N PRO A 173 14.78 -10.61 -3.87
CA PRO A 173 15.04 -11.45 -5.04
C PRO A 173 13.78 -11.69 -5.87
N ILE A 174 13.95 -11.73 -7.18
CA ILE A 174 12.88 -12.01 -8.14
C ILE A 174 13.13 -13.40 -8.72
N GLY A 175 12.29 -14.37 -8.36
CA GLY A 175 12.44 -15.72 -8.88
C GLY A 175 13.35 -16.62 -8.06
N ILE A 176 12.92 -17.87 -7.86
CA ILE A 176 13.61 -18.82 -7.00
C ILE A 176 14.48 -19.74 -7.85
N GLU A 177 15.74 -19.92 -7.42
CA GLU A 177 16.63 -20.97 -7.93
C GLU A 177 16.86 -20.74 -9.41
N GLU A 178 16.58 -21.71 -10.28
CA GLU A 178 16.80 -21.56 -11.73
C GLU A 178 16.04 -20.39 -12.33
N ASN A 179 14.96 -19.95 -11.70
CA ASN A 179 14.17 -18.86 -12.23
C ASN A 179 14.61 -17.49 -11.72
N PHE A 180 15.55 -17.44 -10.78
CA PHE A 180 16.04 -16.16 -10.29
C PHE A 180 16.50 -15.30 -11.46
N LYS A 181 15.90 -14.12 -11.59
CA LYS A 181 16.06 -13.29 -12.76
C LYS A 181 16.48 -11.87 -12.47
N GLY A 182 16.47 -11.45 -11.21
CA GLY A 182 16.84 -10.10 -10.87
C GLY A 182 16.36 -9.75 -9.47
N ILE A 183 16.31 -8.46 -9.20
CA ILE A 183 16.03 -7.96 -7.86
C ILE A 183 15.04 -6.83 -7.94
N VAL A 184 14.26 -6.66 -6.87
CA VAL A 184 13.48 -5.45 -6.66
C VAL A 184 14.34 -4.48 -5.86
N ASN A 185 14.66 -3.34 -6.47
CA ASN A 185 15.35 -2.24 -5.79
C ASN A 185 14.33 -1.51 -4.95
N LEU A 186 14.39 -1.68 -3.62
CA LEU A 186 13.41 -1.05 -2.74
C LEU A 186 13.63 0.44 -2.57
N ILE A 187 14.76 0.98 -2.99
CA ILE A 187 14.95 2.43 -2.93
C ILE A 187 14.21 3.11 -4.07
N LYS A 188 14.36 2.59 -5.29
CA LYS A 188 13.62 3.10 -6.44
C LYS A 188 12.20 2.56 -6.52
N MET A 189 11.91 1.46 -5.82
CA MET A 189 10.66 0.72 -5.95
C MET A 189 10.45 0.24 -7.39
N LYS A 190 11.49 -0.41 -7.93
CA LYS A 190 11.50 -0.88 -9.31
C LYS A 190 12.23 -2.21 -9.37
N ALA A 191 11.84 -3.03 -10.34
CA ALA A 191 12.50 -4.31 -10.58
C ALA A 191 13.60 -4.14 -11.61
N VAL A 192 14.68 -4.89 -11.43
CA VAL A 192 15.76 -4.96 -12.41
C VAL A 192 15.90 -6.42 -12.82
N ILE A 193 15.81 -6.67 -14.12
CA ILE A 193 15.75 -8.02 -14.68
C ILE A 193 16.93 -8.21 -15.63
N TRP A 194 17.47 -9.42 -15.66
CA TRP A 194 18.53 -9.79 -16.60
C TRP A 194 18.02 -10.90 -17.52
N LYS A 195 18.25 -10.74 -18.82
CA LYS A 195 17.63 -11.63 -19.81
C LYS A 195 18.40 -12.94 -19.94
N ASP A 196 19.68 -12.87 -20.29
CA ASP A 196 20.52 -14.05 -20.45
C ASP A 196 21.99 -13.66 -20.58
N GLU A 202 22.34 -8.23 -21.38
CA GLU A 202 21.28 -7.24 -21.46
C GLU A 202 20.43 -7.21 -20.20
N TYR A 203 20.04 -6.03 -19.75
CA TYR A 203 19.14 -5.94 -18.61
C TYR A 203 18.33 -4.64 -18.70
N PHE A 204 17.37 -4.51 -17.80
CA PHE A 204 16.41 -3.42 -17.89
C PHE A 204 15.66 -3.26 -16.57
N GLU A 205 15.20 -2.04 -16.32
CA GLU A 205 14.46 -1.70 -15.13
C GLU A 205 12.98 -1.50 -15.48
N GLU A 206 12.10 -2.14 -14.73
CA GLU A 206 10.66 -2.13 -14.99
C GLU A 206 9.93 -2.03 -13.67
N ASP A 207 8.61 -1.89 -13.77
CA ASP A 207 7.75 -1.88 -12.59
C ASP A 207 7.84 -3.21 -11.85
N ILE A 208 7.62 -3.16 -10.55
CA ILE A 208 7.77 -4.36 -9.72
C ILE A 208 6.77 -5.42 -10.18
N PRO A 209 7.17 -6.68 -10.36
CA PRO A 209 6.23 -7.69 -10.85
C PRO A 209 5.00 -7.78 -9.97
N ALA A 210 3.87 -8.14 -10.60
CA ALA A 210 2.57 -8.05 -9.94
C ALA A 210 2.52 -8.89 -8.68
N ASP A 211 2.96 -10.15 -8.78
CA ASP A 211 2.87 -11.07 -7.65
C ASP A 211 3.83 -10.73 -6.49
N MET A 212 4.58 -9.64 -6.58
CA MET A 212 5.51 -9.26 -5.52
C MET A 212 5.24 -7.87 -4.95
N GLN A 213 4.13 -7.24 -5.36
CA GLN A 213 3.89 -5.86 -4.92
C GLN A 213 3.55 -5.78 -3.44
N ASP A 214 2.98 -6.84 -2.87
CA ASP A 214 2.75 -6.88 -1.43
C ASP A 214 4.07 -6.89 -0.67
N LYS A 215 4.91 -7.89 -0.93
CA LYS A 215 6.22 -7.95 -0.29
C LYS A 215 7.02 -6.67 -0.53
N ALA A 216 7.02 -6.19 -1.77
CA ALA A 216 7.82 -5.01 -2.09
C ALA A 216 7.38 -3.79 -1.29
N ALA A 217 6.06 -3.58 -1.18
CA ALA A 217 5.54 -2.42 -0.47
C ALA A 217 5.71 -2.56 1.03
N GLU A 218 5.70 -3.78 1.56
CA GLU A 218 5.89 -3.95 3.00
C GLU A 218 7.34 -3.71 3.41
N TYR A 219 8.31 -4.22 2.62
CA TYR A 219 9.71 -3.97 2.91
C TYR A 219 10.07 -2.51 2.68
N ARG A 220 9.40 -1.84 1.75
CA ARG A 220 9.59 -0.40 1.57
C ARG A 220 9.37 0.34 2.88
N ALA A 221 8.29 -0.01 3.59
CA ALA A 221 8.01 0.63 4.87
C ALA A 221 9.07 0.29 5.91
N ARG A 222 9.30 -1.00 6.12
CA ARG A 222 10.29 -1.45 7.09
C ARG A 222 11.62 -0.74 6.89
N LEU A 223 12.01 -0.55 5.62
CA LEU A 223 13.17 0.28 5.30
C LEU A 223 12.99 1.68 5.85
N LEU A 224 11.90 2.34 5.46
CA LEU A 224 11.74 3.75 5.81
C LEU A 224 11.67 3.97 7.32
N ASP A 225 10.99 3.08 8.04
CA ASP A 225 10.99 3.17 9.50
C ASP A 225 12.41 3.10 10.06
N MET A 226 13.24 2.24 9.49
CA MET A 226 14.63 2.16 9.92
C MET A 226 15.39 3.44 9.59
N VAL A 227 15.13 3.99 8.41
CA VAL A 227 15.97 5.05 7.87
C VAL A 227 15.63 6.40 8.49
N VAL A 228 14.35 6.67 8.77
CA VAL A 228 13.99 7.96 9.35
C VAL A 228 14.37 8.08 10.82
N GLU A 229 14.84 7.01 11.45
CA GLU A 229 15.29 7.15 12.84
C GLU A 229 16.51 8.03 12.98
N LEU A 230 17.18 8.36 11.88
CA LEU A 230 18.43 9.12 11.92
C LEU A 230 18.21 10.61 11.68
N ASP A 231 16.96 11.07 11.62
CA ASP A 231 16.68 12.47 11.35
C ASP A 231 15.28 12.79 11.84
N ASP A 232 15.14 13.96 12.46
CA ASP A 232 13.83 14.36 12.98
C ASP A 232 12.99 15.08 11.93
N THR A 233 13.62 15.91 11.09
CA THR A 233 12.88 16.67 10.10
C THR A 233 12.19 15.75 9.09
N ILE A 234 12.98 14.93 8.39
CA ILE A 234 12.43 13.97 7.44
C ILE A 234 11.44 13.03 8.13
N MET A 235 11.71 12.68 9.40
CA MET A 235 10.76 11.90 10.19
C MET A 235 9.39 12.57 10.23
N GLU A 236 9.37 13.87 10.55
CA GLU A 236 8.11 14.62 10.50
C GLU A 236 7.57 14.71 9.08
N GLN A 237 8.47 14.80 8.09
CA GLN A 237 8.04 14.80 6.69
C GLN A 237 7.43 13.46 6.29
N TYR A 238 8.04 12.35 6.72
CA TYR A 238 7.46 11.04 6.42
C TYR A 238 6.19 10.80 7.22
N LEU A 239 6.12 11.31 8.46
CA LEU A 239 4.92 11.12 9.28
C LEU A 239 3.76 11.96 8.76
N SER A 240 4.05 13.17 8.28
CA SER A 240 2.99 14.01 7.73
C SER A 240 2.38 13.43 6.45
N GLY A 241 3.01 12.43 5.85
CA GLY A 241 2.48 11.75 4.69
C GLY A 241 3.22 12.03 3.41
N ALA A 242 4.07 13.06 3.36
CA ALA A 242 4.76 13.41 2.13
C ALA A 242 5.67 12.27 1.69
N GLU A 243 5.85 12.18 0.38
CA GLU A 243 6.77 11.18 -0.19
C GLU A 243 8.21 11.58 0.08
N ILE A 244 9.04 10.59 0.39
CA ILE A 244 10.45 10.82 0.65
C ILE A 244 11.23 10.46 -0.62
N THR A 245 12.07 11.39 -1.07
CA THR A 245 12.79 11.23 -2.32
C THR A 245 13.86 10.15 -2.22
N GLU A 246 14.20 9.58 -3.38
CA GLU A 246 15.29 8.61 -3.44
C GLU A 246 16.60 9.20 -2.93
N GLU A 247 16.90 10.44 -3.34
CA GLU A 247 18.12 11.10 -2.88
C GLU A 247 18.10 11.27 -1.37
N GLN A 248 16.93 11.57 -0.81
CA GLN A 248 16.80 11.64 0.63
C GLN A 248 17.09 10.29 1.28
N ILE A 249 16.53 9.22 0.72
CA ILE A 249 16.69 7.90 1.32
C ILE A 249 18.15 7.45 1.23
N LYS A 250 18.78 7.70 0.08
CA LYS A 250 20.19 7.33 -0.11
C LYS A 250 21.11 8.02 0.91
N ILE A 251 20.79 9.26 1.29
CA ILE A 251 21.63 10.01 2.20
C ILE A 251 21.58 9.42 3.61
N LEU A 252 20.37 9.09 4.08
CA LEU A 252 20.24 8.50 5.41
C LEU A 252 20.82 7.09 5.46
N ILE A 253 20.55 6.29 4.43
CA ILE A 253 21.19 4.98 4.33
C ILE A 253 22.71 5.11 4.41
N ARG A 254 23.28 6.11 3.73
CA ARG A 254 24.72 6.29 3.77
C ARG A 254 25.17 6.65 5.18
N LYS A 255 24.51 7.62 5.80
CA LYS A 255 24.83 7.99 7.17
C LYS A 255 24.71 6.78 8.10
N GLY A 256 23.59 6.05 8.01
CA GLY A 256 23.43 4.87 8.84
C GLY A 256 24.52 3.83 8.59
N THR A 257 24.89 3.63 7.33
CA THR A 257 25.90 2.63 7.03
C THR A 257 27.26 3.05 7.56
N ILE A 258 27.58 4.34 7.42
CA ILE A 258 28.87 4.85 7.85
C ILE A 258 29.00 4.82 9.37
N GLU A 259 27.91 5.08 10.08
CA GLU A 259 27.91 5.04 11.54
C GLU A 259 27.65 3.63 12.08
N ALA A 260 27.57 2.64 11.22
CA ALA A 260 27.33 1.24 11.60
C ALA A 260 26.04 1.07 12.41
N ARG A 261 25.03 1.90 12.13
CA ARG A 261 23.71 1.71 12.74
C ARG A 261 22.92 0.57 12.09
N PHE A 262 23.20 0.22 10.84
CA PHE A 262 22.55 -0.91 10.19
C PHE A 262 23.40 -1.36 9.02
N TYR A 263 23.04 -2.51 8.44
CA TYR A 263 23.79 -3.07 7.31
C TYR A 263 22.87 -3.29 6.11
N PRO A 264 23.07 -2.59 5.01
CA PRO A 264 22.22 -2.82 3.83
C PRO A 264 22.42 -4.23 3.29
N ILE A 265 21.32 -4.91 2.99
CA ILE A 265 21.35 -6.28 2.48
C ILE A 265 21.06 -6.25 0.99
N LEU A 266 21.90 -6.89 0.21
CA LEU A 266 21.67 -7.08 -1.22
C LEU A 266 21.78 -8.55 -1.56
N CYS A 267 21.38 -8.91 -2.77
CA CYS A 267 21.47 -10.30 -3.22
C CYS A 267 21.83 -10.31 -4.69
N GLY A 268 22.00 -11.51 -5.23
CA GLY A 268 22.37 -11.67 -6.61
C GLY A 268 22.97 -13.04 -6.85
N SER A 269 23.59 -13.17 -8.02
CA SER A 269 24.21 -14.42 -8.44
C SER A 269 25.41 -14.07 -9.29
N ALA A 270 26.62 -14.24 -8.75
CA ALA A 270 27.81 -13.96 -9.52
C ALA A 270 27.98 -14.96 -10.66
N PHE A 271 27.54 -16.19 -10.45
CA PHE A 271 27.59 -17.21 -11.49
C PHE A 271 26.78 -16.73 -12.70
N LYS A 272 25.46 -16.69 -12.58
CA LYS A 272 24.61 -16.24 -13.69
C LYS A 272 24.75 -14.75 -14.00
N ASN A 273 25.66 -14.05 -13.31
CA ASN A 273 25.96 -12.66 -13.62
C ASN A 273 24.75 -11.75 -13.41
N LYS A 274 24.19 -11.76 -12.20
CA LYS A 274 23.00 -10.96 -11.90
C LYS A 274 23.20 -10.23 -10.57
N GLY A 275 23.00 -8.91 -10.60
CA GLY A 275 23.04 -8.13 -9.39
C GLY A 275 24.36 -7.45 -9.07
N VAL A 276 25.35 -7.57 -9.95
CA VAL A 276 26.66 -7.02 -9.63
C VAL A 276 26.66 -5.50 -9.79
N GLN A 277 26.02 -4.99 -10.85
CA GLN A 277 25.91 -3.54 -11.01
C GLN A 277 25.26 -2.85 -9.82
N PRO A 278 24.10 -3.28 -9.33
CA PRO A 278 23.54 -2.59 -8.15
C PRO A 278 24.48 -2.64 -6.95
N LEU A 279 25.17 -3.77 -6.74
CA LEU A 279 26.16 -3.86 -5.65
C LEU A 279 27.26 -2.83 -5.83
N LEU A 280 27.77 -2.69 -7.05
CA LEU A 280 28.74 -1.62 -7.32
C LEU A 280 28.17 -0.26 -6.98
N ASP A 281 26.91 -0.01 -7.39
CA ASP A 281 26.27 1.26 -7.06
C ASP A 281 26.18 1.45 -5.56
N ALA A 282 25.81 0.40 -4.84
CA ALA A 282 25.66 0.53 -3.40
C ALA A 282 27.02 0.72 -2.72
N ILE A 283 28.08 0.13 -3.28
CA ILE A 283 29.42 0.33 -2.76
C ILE A 283 29.80 1.80 -2.84
N VAL A 284 29.60 2.40 -4.00
CA VAL A 284 29.90 3.81 -4.18
C VAL A 284 28.99 4.67 -3.31
N ASP A 285 27.69 4.31 -3.22
CA ASP A 285 26.73 5.20 -2.59
C ASP A 285 26.84 5.16 -1.07
N PHE A 286 27.15 4.00 -0.49
CA PHE A 286 26.91 3.82 0.94
C PHE A 286 28.16 3.58 1.79
N LEU A 287 29.25 3.07 1.22
CA LEU A 287 30.45 2.78 1.99
C LEU A 287 31.32 4.04 2.13
N PRO A 288 32.02 4.17 3.25
CA PRO A 288 32.66 5.45 3.57
C PRO A 288 33.86 5.78 2.68
N SER A 289 34.13 7.06 2.55
CA SER A 289 35.40 7.57 2.04
C SER A 289 36.38 7.65 3.20
N PRO A 290 37.67 7.95 2.95
CA PRO A 290 38.58 8.14 4.09
C PRO A 290 38.27 9.41 4.87
N ILE A 291 37.69 10.41 4.21
CA ILE A 291 37.16 11.56 4.92
C ILE A 291 36.18 11.12 6.00
N ASP A 292 35.26 10.21 5.65
CA ASP A 292 34.26 9.77 6.62
C ASP A 292 34.92 9.08 7.81
N ILE A 293 35.99 8.32 7.57
CA ILE A 293 36.71 7.72 8.69
C ILE A 293 37.35 8.81 9.53
N GLY A 294 37.97 9.80 8.89
CA GLY A 294 38.41 11.01 9.56
C GLY A 294 39.79 10.95 10.20
N ILE A 295 40.13 9.85 10.88
CA ILE A 295 41.36 9.80 11.66
C ILE A 295 41.94 8.40 11.59
N VAL A 296 43.26 8.32 11.72
CA VAL A 296 43.95 7.07 11.96
C VAL A 296 44.57 7.16 13.35
N LYS A 297 44.54 6.06 14.08
CA LYS A 297 45.05 6.05 15.44
C LYS A 297 46.52 5.66 15.43
N GLY A 298 47.30 6.31 16.27
CA GLY A 298 48.69 5.94 16.39
C GLY A 298 49.39 6.65 17.53
N ILE A 299 50.72 6.64 17.46
CA ILE A 299 51.59 7.14 18.51
C ILE A 299 52.56 8.13 17.89
N GLU A 300 52.77 9.27 18.55
CA GLU A 300 53.83 10.19 18.18
C GLU A 300 55.12 9.68 18.80
N VAL A 301 56.17 9.50 17.98
CA VAL A 301 57.34 8.75 18.43
C VAL A 301 58.10 9.49 19.52
N SER A 302 58.32 10.79 19.35
CA SER A 302 59.15 11.50 20.31
C SER A 302 58.53 11.51 21.72
N THR A 303 57.20 11.47 21.82
CA THR A 303 56.52 11.55 23.11
C THR A 303 55.88 10.25 23.56
N SER A 304 55.80 9.25 22.69
CA SER A 304 55.06 8.01 22.92
C SER A 304 53.57 8.26 23.20
N GLU A 305 53.08 9.47 22.95
CA GLU A 305 51.68 9.80 23.22
C GLU A 305 50.77 9.26 22.11
N GLU A 306 49.76 8.51 22.49
CA GLU A 306 48.77 8.03 21.53
C GLU A 306 47.98 9.21 21.00
N LYS A 307 47.60 9.15 19.72
CA LYS A 307 46.97 10.30 19.11
C LYS A 307 46.07 9.87 17.97
N ASP A 308 44.99 10.64 17.78
CA ASP A 308 44.16 10.55 16.59
C ASP A 308 44.79 11.47 15.55
N PHE A 309 45.29 10.89 14.46
CA PHE A 309 45.89 11.67 13.38
C PHE A 309 44.85 11.92 12.30
N PRO A 310 44.68 13.18 11.89
CA PRO A 310 43.67 13.49 10.87
C PRO A 310 44.12 13.05 9.49
N ILE A 311 43.17 12.51 8.74
CA ILE A 311 43.43 12.04 7.39
C ILE A 311 43.39 13.26 6.46
N SER A 312 44.54 13.59 5.86
CA SER A 312 44.70 14.87 5.20
C SER A 312 46.00 14.88 4.40
N ILE A 313 45.94 15.48 3.22
CA ILE A 313 47.13 15.60 2.37
C ILE A 313 48.08 16.69 2.86
N VAL A 314 47.62 17.66 3.63
CA VAL A 314 48.45 18.78 4.07
C VAL A 314 49.10 18.51 5.41
N GLU A 315 48.89 17.33 5.98
CA GLU A 315 49.57 16.91 7.19
C GLU A 315 50.76 16.03 6.82
N PRO A 316 51.71 15.81 7.75
CA PRO A 316 52.90 15.04 7.38
C PRO A 316 52.57 13.62 6.94
N PHE A 317 53.43 13.07 6.09
CA PHE A 317 53.18 11.77 5.46
C PHE A 317 53.21 10.64 6.48
N SER A 318 52.30 9.69 6.31
CA SER A 318 52.29 8.50 7.14
C SER A 318 51.57 7.39 6.39
N ALA A 319 52.05 6.16 6.58
CA ALA A 319 51.47 5.02 5.89
C ALA A 319 51.77 3.75 6.65
N LEU A 320 50.97 2.73 6.39
CA LEU A 320 51.10 1.43 7.01
C LEU A 320 51.27 0.39 5.91
N ALA A 321 52.32 -0.43 6.02
CA ALA A 321 52.54 -1.54 5.10
C ALA A 321 51.70 -2.73 5.54
N PHE A 322 50.84 -3.24 4.64
CA PHE A 322 49.99 -4.38 5.01
C PHE A 322 50.25 -5.66 4.24
N LYS A 323 50.97 -5.65 3.12
CA LYS A 323 51.36 -6.92 2.52
C LYS A 323 52.65 -6.77 1.71
N ILE A 324 53.52 -7.75 1.85
CA ILE A 324 54.76 -7.85 1.09
C ILE A 324 54.62 -9.01 0.13
N MET A 325 54.74 -8.72 -1.17
CA MET A 325 54.43 -9.67 -2.23
C MET A 325 55.61 -9.76 -3.18
N ASN A 326 56.07 -10.98 -3.44
CA ASN A 326 57.21 -11.20 -4.32
C ASN A 326 56.75 -11.28 -5.76
N ASP A 327 57.42 -10.53 -6.63
CA ASP A 327 57.10 -10.54 -8.04
C ASP A 327 58.36 -10.81 -8.84
N PRO A 328 58.31 -11.69 -9.85
CA PRO A 328 59.55 -12.03 -10.58
C PRO A 328 60.02 -10.94 -11.52
N PHE A 329 59.18 -9.97 -11.87
CA PHE A 329 59.52 -8.93 -12.82
C PHE A 329 59.97 -7.63 -12.16
N VAL A 330 59.42 -7.31 -10.98
CA VAL A 330 59.74 -6.06 -10.29
C VAL A 330 60.29 -6.30 -8.89
N GLY A 331 60.44 -7.54 -8.47
CA GLY A 331 60.96 -7.82 -7.14
C GLY A 331 59.90 -7.69 -6.05
N SER A 332 60.39 -7.56 -4.82
CA SER A 332 59.51 -7.51 -3.65
C SER A 332 58.71 -6.22 -3.64
N LEU A 333 57.40 -6.35 -3.49
CA LEU A 333 56.50 -5.21 -3.40
C LEU A 333 55.97 -5.07 -1.99
N THR A 334 56.01 -3.84 -1.48
CA THR A 334 55.47 -3.52 -0.16
C THR A 334 54.21 -2.69 -0.39
N PHE A 335 53.05 -3.26 -0.09
CA PHE A 335 51.80 -2.54 -0.25
C PHE A 335 51.54 -1.68 0.98
N ILE A 336 51.28 -0.41 0.74
CA ILE A 336 51.02 0.54 1.82
C ILE A 336 49.66 1.16 1.59
N ARG A 337 49.00 1.49 2.68
CA ARG A 337 47.86 2.39 2.70
C ARG A 337 48.36 3.72 3.28
N ILE A 338 48.26 4.79 2.49
CA ILE A 338 48.66 6.11 2.94
C ILE A 338 47.51 6.76 3.69
N TYR A 339 47.78 7.30 4.89
CA TYR A 339 46.76 7.98 5.67
C TYR A 339 46.90 9.50 5.72
N SER A 340 48.07 10.05 5.38
CA SER A 340 48.22 11.49 5.35
C SER A 340 49.49 11.87 4.59
N GLY A 341 49.53 13.12 4.15
CA GLY A 341 50.64 13.63 3.39
C GLY A 341 50.74 12.99 2.01
N LYS A 342 51.90 13.19 1.40
CA LYS A 342 52.18 12.67 0.07
C LYS A 342 53.62 12.17 0.03
N ILE A 343 53.90 11.27 -0.91
CA ILE A 343 55.26 10.88 -1.27
C ILE A 343 55.40 10.99 -2.77
N THR A 344 56.57 11.50 -3.19
CA THR A 344 56.99 11.44 -4.58
C THR A 344 58.21 10.54 -4.69
N SER A 345 58.43 10.01 -5.89
CA SER A 345 59.58 9.16 -6.12
C SER A 345 60.86 9.94 -5.83
N GLY A 346 61.75 9.33 -5.05
CA GLY A 346 62.96 9.99 -4.62
C GLY A 346 62.91 10.58 -3.23
N ALA A 347 61.74 10.64 -2.60
CA ALA A 347 61.64 11.17 -1.26
C ALA A 347 62.29 10.22 -0.27
N THR A 348 62.77 10.79 0.84
CA THR A 348 63.29 10.01 1.94
C THR A 348 62.23 9.97 3.03
N VAL A 349 61.80 8.79 3.42
CA VAL A 349 60.93 8.64 4.57
C VAL A 349 61.71 7.83 5.61
N ILE A 350 61.10 7.56 6.75
CA ILE A 350 61.74 6.78 7.78
C ILE A 350 60.77 5.69 8.22
N ASN A 351 61.28 4.48 8.37
CA ASN A 351 60.54 3.37 8.94
C ASN A 351 60.63 3.52 10.46
N THR A 352 59.50 3.85 11.10
CA THR A 352 59.54 4.20 12.51
C THR A 352 59.47 2.98 13.43
N VAL A 353 59.26 1.79 12.88
CA VAL A 353 59.41 0.57 13.67
C VAL A 353 60.86 0.13 13.69
N LYS A 354 61.52 0.15 12.53
CA LYS A 354 62.94 -0.15 12.44
C LYS A 354 63.82 1.04 12.78
N ASN A 355 63.26 2.24 12.85
CA ASN A 355 64.04 3.48 12.97
C ASN A 355 65.16 3.52 11.92
N LYS A 356 64.80 3.21 10.67
CA LYS A 356 65.74 3.24 9.56
C LYS A 356 65.13 3.96 8.38
N ARG A 357 65.96 4.75 7.69
CA ARG A 357 65.49 5.50 6.54
C ARG A 357 65.23 4.59 5.35
N GLU A 358 64.22 4.96 4.56
CA GLU A 358 63.93 4.31 3.28
C GLU A 358 63.82 5.39 2.23
N LYS A 359 64.14 5.04 0.99
CA LYS A 359 64.01 5.95 -0.14
C LYS A 359 62.95 5.42 -1.07
N ILE A 360 61.97 6.27 -1.40
CA ILE A 360 60.90 5.89 -2.33
C ILE A 360 61.50 5.81 -3.73
N GLY A 361 61.51 4.62 -4.30
CA GLY A 361 61.88 4.48 -5.68
C GLY A 361 60.65 4.29 -6.53
N ARG A 362 60.51 3.10 -7.09
CA ARG A 362 59.38 2.80 -7.96
C ARG A 362 58.09 2.68 -7.14
N MET A 363 57.02 3.30 -7.66
CA MET A 363 55.68 3.20 -7.09
C MET A 363 54.71 2.67 -8.15
N LEU A 364 53.84 1.72 -7.75
CA LEU A 364 52.96 1.05 -8.70
C LEU A 364 51.53 1.02 -8.20
N LEU A 365 50.60 1.15 -9.14
CA LEU A 365 49.17 0.90 -8.95
C LEU A 365 48.84 -0.40 -9.65
N MET A 366 48.20 -1.32 -8.92
CA MET A 366 47.72 -2.56 -9.53
C MET A 366 46.27 -2.40 -9.98
N HIS A 367 46.02 -2.73 -11.24
CA HIS A 367 44.68 -2.79 -11.79
C HIS A 367 44.34 -4.24 -12.09
N ALA A 368 43.20 -4.45 -12.76
CA ALA A 368 42.70 -5.80 -12.97
C ALA A 368 43.72 -6.66 -13.71
N ASN A 369 44.45 -6.09 -14.65
CA ASN A 369 45.43 -6.85 -15.41
C ASN A 369 46.55 -5.98 -15.97
N ASN A 370 47.05 -5.04 -15.16
CA ASN A 370 48.18 -4.23 -15.57
C ASN A 370 48.64 -3.40 -14.38
N ARG A 371 49.93 -3.10 -14.35
CA ARG A 371 50.51 -2.22 -13.34
C ARG A 371 50.78 -0.87 -13.96
N GLU A 372 50.70 0.16 -13.14
CA GLU A 372 50.94 1.52 -13.60
C GLU A 372 52.02 2.14 -12.71
N ASP A 373 53.12 2.53 -13.34
CA ASP A 373 54.12 3.33 -12.66
C ASP A 373 53.55 4.73 -12.42
N ILE A 374 53.65 5.20 -11.18
CA ILE A 374 53.21 6.54 -10.82
C ILE A 374 54.36 7.22 -10.09
N LYS A 375 54.34 8.56 -10.13
CA LYS A 375 55.41 9.34 -9.55
C LYS A 375 54.99 10.05 -8.27
N GLU A 376 53.78 9.80 -7.78
CA GLU A 376 53.23 10.51 -6.63
C GLU A 376 52.04 9.74 -6.08
N ALA A 377 51.94 9.69 -4.75
CA ALA A 377 50.78 9.12 -4.07
C ALA A 377 50.53 9.91 -2.80
N SER A 378 49.29 9.86 -2.31
CA SER A 378 48.86 10.79 -1.28
C SER A 378 47.80 10.13 -0.41
N ALA A 379 47.29 10.91 0.56
CA ALA A 379 46.40 10.38 1.58
C ALA A 379 45.19 9.70 0.97
N GLY A 380 44.85 8.50 1.47
CA GLY A 380 43.77 7.70 0.97
C GLY A 380 44.18 6.61 -0.01
N ASP A 381 45.30 6.80 -0.73
CA ASP A 381 45.71 5.86 -1.76
C ASP A 381 46.25 4.57 -1.17
N ILE A 382 46.15 3.51 -1.94
CA ILE A 382 46.76 2.22 -1.65
C ILE A 382 47.66 1.90 -2.83
N VAL A 383 48.97 1.86 -2.59
CA VAL A 383 49.96 1.70 -3.65
C VAL A 383 51.04 0.73 -3.19
N ALA A 384 51.77 0.22 -4.18
CA ALA A 384 52.86 -0.73 -3.93
C ALA A 384 54.17 -0.03 -4.20
N LEU A 385 55.12 -0.19 -3.28
CA LEU A 385 56.46 0.37 -3.42
C LEU A 385 57.47 -0.74 -3.72
N ALA A 386 58.39 -0.49 -4.65
CA ALA A 386 59.43 -1.45 -4.97
C ALA A 386 60.72 -1.14 -4.24
N GLY A 387 61.56 -2.17 -4.12
CA GLY A 387 62.96 -1.96 -3.76
C GLY A 387 63.18 -1.32 -2.41
N LEU A 388 62.38 -1.68 -1.42
CA LEU A 388 62.59 -1.17 -0.07
C LEU A 388 63.61 -2.05 0.64
N LYS A 389 64.42 -1.41 1.49
CA LYS A 389 65.55 -2.08 2.13
C LYS A 389 65.08 -3.02 3.23
N ASP A 390 64.41 -2.50 4.25
CA ASP A 390 64.13 -3.29 5.44
C ASP A 390 62.76 -2.91 6.05
N THR A 391 61.69 -3.13 5.30
CA THR A 391 60.35 -2.82 5.79
C THR A 391 59.51 -4.08 5.81
N SER A 392 58.88 -4.33 6.95
CA SER A 392 58.03 -5.51 7.16
C SER A 392 56.57 -5.12 7.17
N THR A 393 55.70 -6.10 6.96
CA THR A 393 54.27 -5.85 7.13
C THR A 393 54.02 -5.36 8.55
N GLY A 394 53.11 -4.39 8.68
CA GLY A 394 52.85 -3.77 9.95
C GLY A 394 53.72 -2.57 10.26
N ASP A 395 54.78 -2.35 9.48
CA ASP A 395 55.64 -1.20 9.69
C ASP A 395 54.96 0.08 9.24
N THR A 396 55.38 1.19 9.83
CA THR A 396 54.90 2.51 9.47
C THR A 396 56.00 3.28 8.73
N LEU A 397 55.65 3.87 7.60
CA LEU A 397 56.54 4.80 6.91
C LEU A 397 56.07 6.22 7.19
N SER A 398 56.99 7.08 7.62
CA SER A 398 56.60 8.39 8.13
C SER A 398 57.51 9.48 7.60
N ASP A 399 56.97 10.69 7.57
CA ASP A 399 57.79 11.89 7.40
C ASP A 399 58.90 11.91 8.44
N ILE A 400 60.09 12.35 8.02
CA ILE A 400 61.25 12.44 8.89
C ILE A 400 61.05 13.50 9.96
N ASP A 401 60.46 14.64 9.57
CA ASP A 401 60.30 15.77 10.47
C ASP A 401 59.27 15.51 11.55
N LYS A 402 58.40 14.50 11.38
CA LYS A 402 57.41 14.18 12.40
C LYS A 402 57.16 12.68 12.33
N GLN A 403 57.71 11.95 13.28
CA GLN A 403 57.71 10.50 13.20
C GLN A 403 56.55 9.93 13.99
N VAL A 404 55.73 9.09 13.33
CA VAL A 404 54.59 8.46 13.96
C VAL A 404 54.67 6.97 13.71
N VAL A 405 53.99 6.20 14.58
CA VAL A 405 53.81 4.76 14.44
C VAL A 405 52.30 4.50 14.46
N LEU A 406 51.78 3.80 13.45
CA LEU A 406 50.35 3.58 13.34
C LEU A 406 49.89 2.23 13.87
N GLU A 407 50.74 1.22 13.86
CA GLU A 407 50.44 -0.08 14.44
C GLU A 407 51.46 -0.31 15.55
N ARG A 408 51.01 -0.17 16.80
CA ARG A 408 51.88 -0.32 17.95
C ARG A 408 52.57 -1.67 17.89
N MET A 409 53.91 -1.66 17.91
CA MET A 409 54.69 -2.85 17.64
C MET A 409 55.72 -3.05 18.76
N GLU A 410 55.22 -3.28 19.97
CA GLU A 410 56.09 -3.77 21.03
C GLU A 410 56.67 -5.11 20.60
N PHE A 411 57.98 -5.25 20.72
CA PHE A 411 58.65 -6.48 20.31
C PHE A 411 58.93 -7.33 21.54
N PRO A 412 57.97 -8.16 21.95
CA PRO A 412 58.14 -8.91 23.20
C PRO A 412 59.25 -9.94 23.05
N GLU A 413 59.98 -10.14 24.14
CA GLU A 413 60.95 -11.22 24.18
C GLU A 413 60.23 -12.53 23.80
N PRO A 414 60.85 -13.37 22.97
CA PRO A 414 60.13 -14.54 22.46
C PRO A 414 59.70 -15.47 23.58
N VAL A 415 58.49 -16.02 23.44
CA VAL A 415 57.93 -16.89 24.46
C VAL A 415 58.09 -18.38 24.13
N ILE A 416 58.26 -18.73 22.85
CA ILE A 416 58.34 -20.12 22.41
C ILE A 416 59.63 -20.34 21.62
N GLU A 417 60.32 -21.44 21.89
CA GLU A 417 61.64 -21.69 21.32
C GLU A 417 61.72 -23.09 20.72
N LEU A 418 62.41 -23.20 19.59
CA LEU A 418 62.44 -24.44 18.83
C LEU A 418 63.86 -24.72 18.36
N ALA A 419 64.34 -25.95 18.57
CA ALA A 419 65.67 -26.35 18.18
C ALA A 419 65.67 -26.81 16.72
N VAL A 420 66.64 -26.34 15.95
CA VAL A 420 66.78 -26.69 14.54
C VAL A 420 68.14 -27.32 14.30
N GLU A 421 68.15 -28.40 13.51
CA GLU A 421 69.37 -29.00 13.02
C GLU A 421 69.20 -29.20 11.52
N PRO A 422 70.06 -28.64 10.68
CA PRO A 422 69.99 -28.91 9.25
C PRO A 422 70.23 -30.39 8.95
N LYS A 423 69.63 -30.86 7.85
CA LYS A 423 69.67 -32.29 7.53
C LYS A 423 71.10 -32.78 7.37
N SER A 424 71.85 -32.16 6.45
CA SER A 424 73.25 -32.50 6.24
C SER A 424 74.08 -31.23 6.34
N THR A 425 75.41 -31.39 6.26
CA THR A 425 76.31 -30.26 6.35
C THR A 425 76.14 -29.28 5.19
N ALA A 426 75.49 -29.71 4.10
CA ALA A 426 75.35 -28.84 2.93
C ALA A 426 74.30 -27.75 3.17
N ASP A 427 73.09 -28.14 3.56
CA ASP A 427 71.97 -27.21 3.68
C ASP A 427 72.23 -26.07 4.67
N GLN A 428 73.31 -26.14 5.45
CA GLN A 428 73.59 -25.09 6.43
C GLN A 428 73.64 -23.71 5.79
N GLU A 429 74.11 -23.63 4.54
CA GLU A 429 74.07 -22.37 3.81
C GLU A 429 72.64 -21.92 3.58
N LYS A 430 71.81 -22.80 3.02
CA LYS A 430 70.39 -22.46 2.84
C LYS A 430 69.68 -22.28 4.17
N MET A 431 70.09 -23.03 5.20
CA MET A 431 69.43 -22.95 6.50
C MET A 431 69.61 -21.60 7.17
N GLY A 432 70.64 -20.84 6.79
CA GLY A 432 70.86 -19.53 7.37
C GLY A 432 70.25 -18.41 6.55
N LEU A 433 70.44 -18.45 5.23
CA LEU A 433 69.94 -17.38 4.38
C LEU A 433 68.41 -17.35 4.37
N ALA A 434 67.76 -18.50 4.51
CA ALA A 434 66.31 -18.53 4.51
C ALA A 434 65.74 -18.05 5.84
N LEU A 435 66.29 -18.53 6.95
CA LEU A 435 65.80 -18.14 8.27
C LEU A 435 66.03 -16.67 8.56
N SER A 436 67.00 -16.04 7.90
CA SER A 436 67.26 -14.62 8.05
C SER A 436 66.44 -13.78 7.08
N ARG A 437 66.17 -14.29 5.88
CA ARG A 437 65.27 -13.59 4.97
C ARG A 437 63.87 -13.48 5.55
N LEU A 438 63.48 -14.43 6.41
CA LEU A 438 62.16 -14.42 7.04
C LEU A 438 62.14 -13.65 8.36
N ALA A 439 63.28 -13.57 9.06
CA ALA A 439 63.37 -12.79 10.29
C ALA A 439 63.39 -11.29 10.03
N ALA A 440 63.63 -10.87 8.79
CA ALA A 440 63.50 -9.46 8.42
C ALA A 440 62.06 -9.13 8.05
N GLU A 441 61.43 -9.98 7.22
CA GLU A 441 60.03 -9.80 6.88
C GLU A 441 59.13 -9.88 8.12
N ASP A 442 59.63 -10.45 9.22
CA ASP A 442 58.90 -10.61 10.47
C ASP A 442 59.85 -10.40 11.65
N PRO A 443 59.70 -9.29 12.39
CA PRO A 443 60.68 -8.97 13.43
C PRO A 443 60.47 -9.75 14.71
N SER A 444 59.22 -10.19 14.98
CA SER A 444 58.87 -10.96 16.17
C SER A 444 59.39 -12.39 16.13
N PHE A 445 60.20 -12.71 15.13
CA PHE A 445 60.87 -14.00 15.01
C PHE A 445 62.37 -13.78 15.15
N ARG A 446 63.05 -14.70 15.83
CA ARG A 446 64.48 -14.59 16.05
C ARG A 446 65.15 -15.93 15.85
N VAL A 447 66.40 -15.89 15.40
CA VAL A 447 67.25 -17.07 15.24
C VAL A 447 68.57 -16.81 15.96
N SER A 448 69.04 -17.81 16.70
CA SER A 448 70.25 -17.70 17.52
C SER A 448 71.11 -18.94 17.32
N THR A 449 72.35 -18.86 17.81
CA THR A 449 73.31 -19.94 17.65
C THR A 449 74.25 -19.99 18.87
N ASP A 450 74.66 -21.21 19.23
CA ASP A 450 75.47 -21.45 20.41
C ASP A 450 76.89 -21.82 19.99
N HIS A 451 77.85 -20.97 20.37
CA HIS A 451 79.25 -21.18 20.02
C HIS A 451 79.82 -22.44 20.68
N GLN A 455 74.32 -25.69 17.41
CA GLN A 455 72.92 -25.98 17.15
C GLN A 455 72.10 -24.69 17.09
N THR A 456 71.49 -24.44 15.93
CA THR A 456 70.71 -23.23 15.74
C THR A 456 69.32 -23.37 16.34
N VAL A 457 68.76 -22.24 16.78
CA VAL A 457 67.51 -22.21 17.54
C VAL A 457 66.65 -21.06 17.02
N ILE A 458 65.37 -21.34 16.78
CA ILE A 458 64.43 -20.33 16.33
C ILE A 458 63.47 -20.01 17.47
N LYS A 459 63.01 -18.75 17.50
CA LYS A 459 62.18 -18.25 18.58
C LYS A 459 61.02 -17.43 18.01
N GLY A 460 59.81 -17.76 18.44
CA GLY A 460 58.62 -17.08 17.94
C GLY A 460 57.64 -16.71 19.05
N MET A 461 56.40 -16.41 18.67
CA MET A 461 55.41 -15.93 19.63
C MET A 461 54.22 -16.86 19.76
N GLY A 462 54.25 -18.01 19.11
CA GLY A 462 53.14 -18.95 19.22
C GLY A 462 53.30 -20.05 18.21
N GLU A 463 52.49 -21.09 18.41
CA GLU A 463 52.56 -22.29 17.56
C GLU A 463 52.35 -21.95 16.10
N LEU A 464 51.13 -21.54 15.73
CA LEU A 464 50.83 -21.22 14.34
C LEU A 464 51.88 -20.30 13.73
N HIS A 465 52.40 -19.37 14.53
CA HIS A 465 53.47 -18.50 14.04
C HIS A 465 54.68 -19.32 13.60
N LEU A 466 55.10 -20.29 14.43
CA LEU A 466 56.25 -21.10 14.08
C LEU A 466 55.91 -22.12 13.00
N GLU A 467 54.70 -22.67 13.02
CA GLU A 467 54.28 -23.61 11.98
C GLU A 467 54.42 -22.99 10.59
N ILE A 468 53.97 -21.74 10.44
CA ILE A 468 54.04 -21.07 9.15
C ILE A 468 55.49 -20.89 8.71
N ILE A 469 56.37 -20.54 9.66
CA ILE A 469 57.77 -20.30 9.31
C ILE A 469 58.45 -21.60 8.88
N ILE A 470 58.30 -22.67 9.66
CA ILE A 470 58.93 -23.94 9.30
C ILE A 470 58.44 -24.40 7.94
N ASP A 471 57.17 -24.15 7.62
CA ASP A 471 56.64 -24.55 6.32
C ASP A 471 57.29 -23.76 5.20
N ARG A 472 57.28 -22.42 5.29
CA ARG A 472 57.96 -21.61 4.29
C ARG A 472 59.45 -21.93 4.24
N MET A 473 60.01 -22.40 5.34
CA MET A 473 61.42 -22.76 5.37
C MET A 473 61.70 -23.95 4.45
N ARG A 474 60.91 -25.02 4.58
CA ARG A 474 61.16 -26.20 3.76
C ARG A 474 60.62 -26.02 2.33
N ARG A 475 59.45 -25.42 2.19
CA ARG A 475 58.82 -25.33 0.87
C ARG A 475 59.44 -24.23 0.02
N GLU A 476 59.17 -22.96 0.37
CA GLU A 476 59.60 -21.84 -0.47
C GLU A 476 61.11 -21.82 -0.63
N PHE A 477 61.85 -22.19 0.41
CA PHE A 477 63.30 -22.06 0.39
C PHE A 477 64.04 -23.39 0.29
N LYS A 478 63.32 -24.50 0.13
CA LYS A 478 63.91 -25.80 -0.18
C LYS A 478 64.99 -26.17 0.83
N VAL A 479 64.76 -25.83 2.09
CA VAL A 479 65.68 -26.12 3.19
C VAL A 479 65.27 -27.42 3.83
N GLU A 480 66.22 -28.35 3.96
CA GLU A 480 65.97 -29.64 4.59
C GLU A 480 66.67 -29.67 5.94
N ALA A 481 65.89 -29.91 7.00
CA ALA A 481 66.40 -29.83 8.37
C ALA A 481 65.49 -30.64 9.28
N ASN A 482 65.82 -30.65 10.57
CA ASN A 482 65.05 -31.36 11.58
C ASN A 482 64.74 -30.41 12.73
N ILE A 483 63.46 -30.33 13.08
CA ILE A 483 62.99 -29.43 14.14
C ILE A 483 62.75 -30.25 15.39
N GLY A 484 63.20 -29.72 16.53
CA GLY A 484 62.90 -30.33 17.82
C GLY A 484 61.48 -30.05 18.25
N ALA A 485 61.22 -30.23 19.59
CA ALA A 485 59.92 -29.93 20.18
C ALA A 485 59.96 -28.56 20.85
N PRO A 486 58.82 -27.84 20.86
CA PRO A 486 58.82 -26.49 21.44
C PRO A 486 59.21 -26.49 22.91
N GLN A 487 59.69 -25.33 23.36
CA GLN A 487 60.09 -25.12 24.74
C GLN A 487 59.60 -23.75 25.19
N VAL A 488 58.97 -23.71 26.37
CA VAL A 488 58.52 -22.43 26.91
C VAL A 488 59.72 -21.63 27.38
N ALA A 489 59.78 -20.35 27.01
CA ALA A 489 60.91 -19.50 27.35
C ALA A 489 60.73 -18.96 28.77
N TYR A 490 61.01 -19.83 29.74
CA TYR A 490 60.99 -19.42 31.13
C TYR A 490 62.09 -18.42 31.42
N ARG A 491 61.93 -17.70 32.53
CA ARG A 491 62.87 -16.67 32.95
C ARG A 491 63.15 -16.83 34.45
N GLU A 492 64.04 -16.00 34.99
CA GLU A 492 64.37 -16.06 36.41
C GLU A 492 64.62 -14.65 36.96
N THR A 493 64.23 -14.44 38.21
CA THR A 493 64.45 -13.16 38.87
C THR A 493 64.76 -13.39 40.35
N ILE A 494 65.25 -12.35 41.00
CA ILE A 494 65.47 -12.38 42.45
C ILE A 494 64.36 -11.61 43.14
N THR A 495 64.04 -12.02 44.36
CA THR A 495 62.98 -11.41 45.14
C THR A 495 63.50 -10.30 46.05
N THR A 496 64.72 -10.45 46.59
CA THR A 496 65.24 -9.55 47.61
C THR A 496 66.61 -9.02 47.23
N ALA A 497 66.99 -7.92 47.87
CA ALA A 497 68.31 -7.34 47.64
C ALA A 497 69.37 -8.16 48.36
N CYS A 498 70.55 -8.25 47.74
CA CYS A 498 71.64 -9.06 48.27
C CYS A 498 72.97 -8.49 47.82
N GLU A 499 73.86 -8.24 48.77
CA GLU A 499 75.20 -7.78 48.45
C GLU A 499 76.20 -8.93 48.62
N ILE A 500 77.30 -8.83 47.90
CA ILE A 500 78.35 -9.84 47.95
C ILE A 500 79.67 -9.21 47.54
N ASP A 501 80.70 -9.41 48.38
CA ASP A 501 82.07 -9.04 48.05
C ASP A 501 82.76 -10.32 47.62
N TYR A 502 83.16 -10.40 46.35
CA TYR A 502 83.72 -11.60 45.76
C TYR A 502 85.15 -11.32 45.33
N THR A 503 86.06 -12.26 45.60
CA THR A 503 87.46 -12.12 45.21
C THR A 503 87.88 -13.32 44.38
N HIS A 504 88.50 -13.06 43.23
CA HIS A 504 89.10 -14.08 42.39
C HIS A 504 90.61 -13.90 42.35
N LYS A 505 91.32 -15.02 42.18
CA LYS A 505 92.77 -15.01 42.09
C LYS A 505 93.28 -16.06 41.12
N PHE A 514 94.82 -11.41 40.33
CA PHE A 514 93.76 -11.43 41.33
C PHE A 514 92.95 -10.13 41.33
N ALA A 515 91.64 -10.26 41.07
CA ALA A 515 90.72 -9.13 41.06
C ALA A 515 89.51 -9.44 41.95
N ARG A 516 88.96 -8.40 42.56
CA ARG A 516 87.82 -8.53 43.47
C ARG A 516 86.83 -7.40 43.24
N VAL A 517 85.55 -7.76 43.08
CA VAL A 517 84.46 -6.81 42.98
C VAL A 517 83.52 -7.00 44.16
N LYS A 518 82.80 -5.93 44.49
CA LYS A 518 81.77 -5.97 45.52
C LYS A 518 80.50 -5.36 44.93
N ILE A 519 79.45 -6.16 44.84
CA ILE A 519 78.29 -5.85 44.02
C ILE A 519 77.03 -6.06 44.83
N ILE A 520 76.04 -5.19 44.64
CA ILE A 520 74.73 -5.31 45.25
C ILE A 520 73.72 -5.62 44.15
N PHE A 521 72.95 -6.68 44.36
CA PHE A 521 71.91 -7.08 43.43
C PHE A 521 70.56 -6.71 44.02
N GLU A 522 69.69 -6.12 43.21
CA GLU A 522 68.40 -5.60 43.67
C GLU A 522 67.34 -5.95 42.64
N PRO A 523 66.22 -6.54 43.04
CA PRO A 523 65.09 -6.63 42.11
C PRO A 523 64.60 -5.23 41.77
N LEU A 524 64.41 -4.97 40.48
CA LEU A 524 64.08 -3.62 40.02
C LEU A 524 62.84 -3.07 40.73
N LYS A 525 61.92 -3.94 41.16
CA LYS A 525 60.71 -3.50 41.84
C LYS A 525 61.00 -2.70 43.11
N ASP A 526 62.22 -2.79 43.65
CA ASP A 526 62.57 -2.13 44.90
C ASP A 526 63.56 -0.99 44.75
N VAL A 527 64.14 -0.80 43.55
CA VAL A 527 65.21 0.18 43.41
C VAL A 527 64.65 1.60 43.52
N ILE A 528 65.53 2.53 43.87
CA ILE A 528 65.15 3.93 44.02
C ILE A 528 65.92 4.78 43.03
N ASP A 529 65.70 4.55 41.74
CA ASP A 529 66.36 5.31 40.69
C ASP A 529 65.52 5.24 39.42
N LEU A 530 65.71 6.24 38.55
CA LEU A 530 65.00 6.35 37.28
C LEU A 530 63.49 6.31 37.47
N ASP A 534 67.60 6.62 33.56
CA ASP A 534 66.24 7.04 33.23
C ASP A 534 65.70 6.27 32.04
N LYS A 535 65.27 5.04 32.27
CA LYS A 535 64.70 4.18 31.23
C LYS A 535 64.04 2.95 31.84
N ASN A 536 63.88 1.88 31.04
CA ASN A 536 63.24 0.66 31.50
C ASN A 536 63.89 -0.53 30.77
N LYS A 537 65.02 -0.98 31.30
CA LYS A 537 65.71 -2.17 30.83
C LYS A 537 65.42 -3.34 31.77
N THR A 538 65.68 -4.56 31.28
CA THR A 538 65.51 -5.74 32.13
C THR A 538 66.70 -5.94 33.07
N PHE A 539 67.90 -5.53 32.67
CA PHE A 539 69.08 -5.63 33.52
C PHE A 539 69.77 -4.27 33.56
N VAL A 540 69.99 -3.77 34.76
CA VAL A 540 70.52 -2.42 34.97
C VAL A 540 71.90 -2.53 35.59
N PHE A 541 72.82 -1.69 35.12
CA PHE A 541 74.18 -1.63 35.62
C PHE A 541 74.46 -0.24 36.18
N GLU A 542 75.20 -0.18 37.27
CA GLU A 542 75.56 1.09 37.90
C GLU A 542 76.76 0.85 38.80
N SER A 543 77.68 1.80 38.84
CA SER A 543 78.96 1.61 39.53
C SER A 543 79.33 2.89 40.30
N LYS A 544 79.04 2.90 41.59
CA LYS A 544 79.45 4.01 42.46
C LYS A 544 80.80 3.69 43.11
N ILE A 545 81.79 3.47 42.25
CA ILE A 545 83.14 3.16 42.72
C ILE A 545 83.91 4.46 42.95
N PRO A 551 89.02 2.70 42.84
CA PRO A 551 89.70 1.43 43.07
C PRO A 551 90.00 0.64 41.80
N LYS A 552 89.40 1.03 40.67
CA LYS A 552 89.65 0.37 39.40
C LYS A 552 89.04 1.20 38.27
N GLU A 553 89.71 1.18 37.12
CA GLU A 553 89.17 1.72 35.88
C GLU A 553 88.66 0.62 34.95
N TYR A 554 88.37 -0.56 35.51
CA TYR A 554 87.97 -1.74 34.77
C TYR A 554 86.46 -1.93 34.75
N ILE A 555 85.69 -0.89 35.10
CA ILE A 555 84.24 -0.94 35.15
C ILE A 555 83.63 -1.58 33.89
N PRO A 556 84.17 -1.36 32.69
CA PRO A 556 83.64 -2.11 31.53
C PRO A 556 83.80 -3.62 31.66
N GLY A 557 84.84 -4.09 32.36
CA GLY A 557 85.05 -5.52 32.47
C GLY A 557 83.99 -6.23 33.30
N VAL A 558 83.45 -5.54 34.30
CA VAL A 558 82.41 -6.14 35.13
C VAL A 558 81.11 -6.29 34.34
N GLU A 559 80.79 -5.30 33.49
CA GLU A 559 79.54 -5.35 32.73
C GLU A 559 79.52 -6.56 31.79
N LYS A 560 80.60 -6.77 31.04
CA LYS A 560 80.66 -7.87 30.08
C LYS A 560 80.43 -9.21 30.78
N GLY A 561 81.09 -9.43 31.92
CA GLY A 561 80.86 -10.64 32.67
C GLY A 561 79.42 -10.78 33.14
N LEU A 562 78.86 -9.71 33.70
CA LEU A 562 77.50 -9.80 34.23
C LEU A 562 76.48 -10.03 33.12
N ASN A 563 76.70 -9.42 31.96
CA ASN A 563 75.76 -9.58 30.85
C ASN A 563 75.86 -10.97 30.25
N ASN A 564 77.07 -11.53 30.15
CA ASN A 564 77.21 -12.83 29.52
C ASN A 564 76.60 -13.94 30.36
N ILE A 565 76.73 -13.86 31.68
CA ILE A 565 76.34 -14.97 32.53
C ILE A 565 74.87 -14.91 32.95
N ARG A 566 74.23 -13.74 32.92
CA ARG A 566 72.82 -13.70 33.30
C ARG A 566 71.94 -14.52 32.39
N GLU A 567 72.39 -14.77 31.15
CA GLU A 567 71.66 -15.68 30.28
C GLU A 567 71.52 -17.06 30.91
N THR A 568 72.46 -17.43 31.76
CA THR A 568 72.52 -18.73 32.46
C THR A 568 72.14 -18.46 33.91
N GLY A 569 70.87 -18.62 34.22
CA GLY A 569 70.39 -18.26 35.54
C GLY A 569 70.72 -19.31 36.59
N VAL A 570 70.59 -18.90 37.84
CA VAL A 570 71.08 -19.72 38.95
C VAL A 570 70.14 -20.89 39.25
N ILE A 571 68.87 -20.78 38.91
CA ILE A 571 67.92 -21.83 39.30
C ILE A 571 68.02 -23.03 38.36
N ALA A 572 67.76 -22.80 37.06
CA ALA A 572 67.66 -23.94 36.15
C ALA A 572 68.08 -23.60 34.72
N GLY A 573 68.92 -22.59 34.53
CA GLY A 573 69.53 -22.35 33.24
C GLY A 573 68.87 -21.27 32.41
N TYR A 574 67.73 -20.76 32.84
CA TYR A 574 67.00 -19.74 32.09
C TYR A 574 67.57 -18.35 32.38
N PRO A 575 67.37 -17.40 31.49
CA PRO A 575 67.96 -16.07 31.67
C PRO A 575 67.39 -15.33 32.87
N MET A 576 68.28 -14.69 33.63
CA MET A 576 67.91 -13.86 34.76
C MET A 576 67.50 -12.48 34.28
N ILE A 577 66.36 -11.99 34.77
CA ILE A 577 65.83 -10.70 34.34
C ILE A 577 65.29 -9.93 35.52
N ASP A 578 65.09 -8.62 35.31
CA ASP A 578 64.45 -7.70 36.25
C ASP A 578 65.27 -7.46 37.52
N PHE A 579 66.52 -7.01 37.38
CA PHE A 579 67.33 -6.73 38.56
C PHE A 579 68.39 -5.70 38.21
N LYS A 580 68.71 -4.86 39.21
CA LYS A 580 69.86 -3.98 39.13
C LYS A 580 71.09 -4.68 39.70
N ALA A 581 72.25 -4.18 39.32
CA ALA A 581 73.53 -4.67 39.83
C ALA A 581 74.43 -3.47 40.06
N THR A 582 74.68 -3.14 41.32
CA THR A 582 75.39 -1.92 41.70
C THR A 582 76.78 -2.30 42.19
N LEU A 583 77.80 -1.88 41.44
CA LEU A 583 79.19 -2.18 41.77
C LEU A 583 79.69 -1.12 42.75
N VAL A 584 79.90 -1.51 44.01
CA VAL A 584 80.32 -0.60 45.07
C VAL A 584 81.61 -1.15 45.65
N ASP A 585 82.72 -0.41 45.47
CA ASP A 585 84.04 -0.75 45.99
C ASP A 585 84.68 -1.93 45.26
N GLY A 586 85.99 -2.08 45.39
CA GLY A 586 86.71 -3.13 44.70
C GLY A 586 88.15 -3.21 45.14
N ALA A 587 88.99 -3.80 44.29
CA ALA A 587 90.41 -3.98 44.56
C ALA A 587 91.10 -4.38 43.26
N PHE A 588 92.44 -4.37 43.30
CA PHE A 588 93.25 -4.69 42.12
C PHE A 588 94.68 -4.96 42.55
N HIS A 589 95.40 -5.70 41.70
CA HIS A 589 96.81 -6.00 41.94
C HIS A 589 97.55 -6.22 40.62
N VAL A 595 95.17 -7.09 37.93
CA VAL A 595 95.57 -7.56 36.61
C VAL A 595 94.58 -7.05 35.56
N LEU A 596 94.02 -7.96 34.76
CA LEU A 596 93.03 -7.60 33.75
C LEU A 596 92.07 -8.75 33.57
N ALA A 597 90.91 -8.45 32.97
CA ALA A 597 89.77 -9.36 32.80
C ALA A 597 89.10 -9.64 34.13
N PHE A 598 88.32 -8.67 34.62
CA PHE A 598 87.52 -8.78 35.82
C PHE A 598 86.25 -9.60 35.61
N GLU A 599 85.95 -10.01 34.39
CA GLU A 599 84.70 -10.72 34.13
C GLU A 599 84.62 -12.01 34.96
N ILE A 600 85.76 -12.68 35.16
CA ILE A 600 85.78 -13.91 35.95
C ILE A 600 85.22 -13.67 37.35
N ALA A 601 85.59 -12.55 37.96
CA ALA A 601 85.15 -12.25 39.33
C ALA A 601 83.70 -11.78 39.35
N ALA A 602 83.31 -10.90 38.42
CA ALA A 602 81.92 -10.48 38.36
C ALA A 602 80.99 -11.67 38.15
N LYS A 603 81.44 -12.66 37.38
CA LYS A 603 80.64 -13.87 37.18
C LYS A 603 80.47 -14.62 38.50
N GLY A 604 81.57 -14.81 39.23
CA GLY A 604 81.48 -15.45 40.54
C GLY A 604 80.56 -14.71 41.49
N ALA A 605 80.66 -13.38 41.52
CA ALA A 605 79.74 -12.58 42.30
C ALA A 605 78.30 -12.91 41.95
N PHE A 606 77.97 -12.81 40.67
CA PHE A 606 76.64 -13.17 40.18
C PHE A 606 76.29 -14.61 40.55
N ARG A 607 77.15 -15.55 40.16
CA ARG A 607 76.88 -16.96 40.35
C ARG A 607 76.58 -17.28 41.80
N GLU A 608 77.35 -16.69 42.73
CA GLU A 608 77.13 -16.93 44.15
C GLU A 608 76.13 -15.95 44.75
N GLY A 609 76.26 -14.66 44.45
CA GLY A 609 75.37 -13.67 45.02
C GLY A 609 73.90 -13.95 44.76
N MET A 610 73.56 -14.25 43.50
CA MET A 610 72.15 -14.31 43.12
C MET A 610 71.38 -15.45 43.79
N GLN A 611 72.08 -16.46 44.32
CA GLN A 611 71.41 -17.45 45.15
C GLN A 611 70.88 -16.85 46.45
N LYS A 612 71.39 -15.68 46.84
CA LYS A 612 71.03 -15.03 48.09
C LYS A 612 69.90 -14.01 47.92
N GLY A 613 69.34 -13.86 46.73
CA GLY A 613 68.26 -12.92 46.54
C GLY A 613 66.93 -13.62 46.37
N ASN A 614 66.82 -14.81 46.95
CA ASN A 614 65.62 -15.65 46.85
C ASN A 614 65.13 -15.73 45.40
N PRO A 615 65.92 -16.29 44.51
CA PRO A 615 65.55 -16.28 43.09
C PRO A 615 64.32 -17.14 42.86
N LYS A 616 63.57 -16.79 41.81
CA LYS A 616 62.31 -17.48 41.55
C LYS A 616 62.08 -17.61 40.05
N LEU A 617 61.54 -18.76 39.65
CA LEU A 617 61.28 -19.03 38.24
C LEU A 617 60.07 -18.25 37.74
N LEU A 618 60.14 -17.81 36.48
CA LEU A 618 59.10 -16.99 35.87
C LEU A 618 58.59 -17.64 34.59
N GLU A 619 57.28 -17.50 34.34
CA GLU A 619 56.67 -18.01 33.11
C GLU A 619 55.98 -16.88 32.34
N PRO A 620 55.96 -16.94 31.01
CA PRO A 620 55.22 -15.93 30.25
C PRO A 620 53.72 -16.07 30.47
N ILE A 621 53.06 -14.94 30.73
CA ILE A 621 51.60 -14.90 30.84
C ILE A 621 51.04 -14.17 29.63
N MET A 622 50.06 -14.77 28.98
CA MET A 622 49.48 -14.20 27.78
C MET A 622 48.16 -13.50 28.09
N LYS A 623 47.95 -12.35 27.46
CA LYS A 623 46.64 -11.72 27.43
C LYS A 623 45.82 -12.40 26.34
N VAL A 624 44.80 -13.15 26.76
CA VAL A 624 43.92 -13.89 25.86
C VAL A 624 42.61 -13.13 25.73
N GLU A 625 42.17 -12.90 24.49
CA GLU A 625 40.90 -12.21 24.24
C GLU A 625 40.01 -13.14 23.42
N VAL A 626 38.91 -13.57 24.02
CA VAL A 626 37.99 -14.52 23.38
C VAL A 626 36.68 -13.80 23.07
N ILE A 627 36.29 -13.80 21.80
CA ILE A 627 35.00 -13.28 21.35
C ILE A 627 34.09 -14.48 21.14
N THR A 628 33.07 -14.64 21.98
CA THR A 628 32.20 -15.80 21.85
C THR A 628 30.73 -15.43 21.95
N PRO A 629 29.86 -16.17 21.26
CA PRO A 629 28.43 -16.05 21.52
C PRO A 629 28.10 -16.54 22.92
N ASP A 630 27.14 -15.87 23.57
CA ASP A 630 26.91 -16.04 25.00
C ASP A 630 26.72 -17.51 25.40
N GLU A 631 26.18 -18.35 24.52
CA GLU A 631 25.78 -19.68 24.98
C GLU A 631 26.97 -20.56 25.31
N TYR A 632 28.16 -20.24 24.79
CA TYR A 632 29.35 -21.02 25.05
C TYR A 632 30.22 -20.44 26.16
N MET A 633 29.90 -19.25 26.68
CA MET A 633 30.84 -18.54 27.54
C MET A 633 31.05 -19.27 28.87
N GLY A 634 30.03 -19.98 29.35
CA GLY A 634 30.20 -20.75 30.59
C GLY A 634 31.25 -21.83 30.45
N ASP A 635 31.19 -22.59 29.36
CA ASP A 635 32.18 -23.61 29.06
C ASP A 635 33.55 -22.99 28.82
N ILE A 636 33.61 -21.93 28.00
CA ILE A 636 34.88 -21.31 27.65
C ILE A 636 35.58 -20.76 28.89
N ILE A 637 34.82 -20.11 29.78
CA ILE A 637 35.43 -19.53 30.97
C ILE A 637 35.88 -20.62 31.94
N GLY A 638 35.10 -21.70 32.05
CA GLY A 638 35.53 -22.83 32.87
C GLY A 638 36.80 -23.48 32.36
N ASP A 639 36.96 -23.57 31.04
CA ASP A 639 38.16 -24.15 30.46
C ASP A 639 39.38 -23.24 30.68
N LEU A 640 39.19 -21.92 30.46
CA LEU A 640 40.25 -20.96 30.73
C LEU A 640 40.75 -21.07 32.16
N ASN A 641 39.83 -21.24 33.11
CA ASN A 641 40.21 -21.33 34.51
C ASN A 641 40.93 -22.65 34.81
N SER A 642 40.63 -23.70 34.05
CA SER A 642 41.37 -24.95 34.20
C SER A 642 42.81 -24.84 33.71
N ARG A 643 43.12 -23.81 32.92
CA ARG A 643 44.48 -23.55 32.44
C ARG A 643 45.22 -22.55 33.31
N ARG A 644 44.83 -22.41 34.57
CA ARG A 644 45.36 -21.39 35.47
C ARG A 644 45.10 -19.99 34.93
N GLY A 645 44.13 -19.82 34.04
CA GLY A 645 43.80 -18.49 33.57
C GLY A 645 43.07 -17.68 34.62
N GLN A 646 43.14 -16.35 34.47
CA GLN A 646 42.43 -15.44 35.34
C GLN A 646 41.68 -14.44 34.46
N ILE A 647 40.35 -14.42 34.59
CA ILE A 647 39.54 -13.53 33.77
C ILE A 647 39.71 -12.09 34.28
N GLN A 648 39.96 -11.18 33.36
CA GLN A 648 40.13 -9.76 33.66
C GLN A 648 38.88 -8.94 33.43
N ASN A 649 38.07 -9.29 32.43
CA ASN A 649 36.95 -8.45 32.05
C ASN A 649 36.04 -9.24 31.11
N MET A 650 34.77 -8.84 31.09
CA MET A 650 33.83 -9.25 30.07
C MET A 650 33.05 -8.03 29.62
N ASP A 651 32.88 -7.90 28.31
CA ASP A 651 32.14 -6.78 27.72
C ASP A 651 31.20 -7.34 26.66
N PRO A 652 29.91 -7.04 26.73
CA PRO A 652 29.00 -7.46 25.66
C PRO A 652 29.30 -6.70 24.38
N ARG A 653 29.50 -7.43 23.28
CA ARG A 653 29.57 -6.81 21.96
C ARG A 653 28.50 -7.46 21.10
N GLY A 654 27.45 -6.70 20.77
CA GLY A 654 26.32 -7.28 20.08
C GLY A 654 25.72 -8.39 20.90
N ASN A 655 25.36 -9.48 20.24
CA ASN A 655 24.90 -10.68 20.92
C ASN A 655 26.04 -11.61 21.29
N ALA A 656 27.26 -11.07 21.38
CA ALA A 656 28.43 -11.85 21.78
C ALA A 656 29.09 -11.21 23.01
N GLN A 657 30.06 -11.92 23.57
CA GLN A 657 30.81 -11.44 24.72
C GLN A 657 32.30 -11.46 24.41
N VAL A 658 32.99 -10.42 24.85
CA VAL A 658 34.44 -10.31 24.76
C VAL A 658 35.01 -10.63 26.13
N VAL A 659 35.63 -11.80 26.26
CA VAL A 659 36.28 -12.25 27.49
C VAL A 659 37.76 -11.96 27.39
N THR A 660 38.30 -11.21 28.36
CA THR A 660 39.72 -10.93 28.44
C THR A 660 40.32 -11.63 29.65
N ALA A 661 41.36 -12.44 29.40
CA ALA A 661 41.95 -13.26 30.44
C ALA A 661 43.47 -13.20 30.34
N HIS A 662 44.12 -13.50 31.47
CA HIS A 662 45.56 -13.75 31.54
C HIS A 662 45.76 -15.25 31.73
N VAL A 663 46.44 -15.88 30.80
CA VAL A 663 46.67 -17.32 30.86
C VAL A 663 48.15 -17.58 30.61
N PRO A 664 48.77 -18.51 31.33
CA PRO A 664 50.20 -18.80 31.05
C PRO A 664 50.35 -19.51 29.71
N LEU A 665 51.28 -18.99 28.90
CA LEU A 665 51.53 -19.58 27.59
C LEU A 665 51.64 -21.10 27.66
N ALA A 666 52.26 -21.62 28.72
CA ALA A 666 52.44 -23.05 28.87
C ALA A 666 51.13 -23.81 28.88
N GLU A 667 50.03 -23.17 29.27
CA GLU A 667 48.72 -23.83 29.33
C GLU A 667 47.85 -23.50 28.13
N MET A 668 48.42 -22.96 27.05
CA MET A 668 47.63 -22.51 25.91
C MET A 668 47.83 -23.31 24.63
N PHE A 669 48.63 -24.38 24.66
CA PHE A 669 48.93 -25.11 23.44
C PHE A 669 47.69 -25.76 22.86
N GLY A 670 47.48 -25.58 21.56
CA GLY A 670 46.33 -26.18 20.91
C GLY A 670 44.99 -25.56 21.27
N TYR A 671 45.01 -24.34 21.82
CA TYR A 671 43.75 -23.68 22.20
C TYR A 671 42.87 -23.40 20.99
N VAL A 672 43.46 -23.20 19.81
CA VAL A 672 42.66 -22.97 18.62
C VAL A 672 41.67 -24.10 18.42
N ASN A 673 42.13 -25.33 18.58
CA ASN A 673 41.27 -26.48 18.31
C ASN A 673 40.31 -26.75 19.46
N THR A 674 40.72 -26.47 20.69
CA THR A 674 39.82 -26.60 21.82
C THR A 674 38.69 -25.59 21.72
N LEU A 675 39.02 -24.32 21.46
CA LEU A 675 38.00 -23.29 21.35
C LEU A 675 37.00 -23.62 20.25
N ARG A 676 37.49 -24.17 19.14
CA ARG A 676 36.59 -24.55 18.05
C ARG A 676 35.58 -25.60 18.51
N SER A 677 36.07 -26.68 19.13
CA SER A 677 35.16 -27.74 19.58
C SER A 677 34.25 -27.29 20.72
N LEU A 678 34.63 -26.24 21.46
CA LEU A 678 33.79 -25.77 22.54
C LEU A 678 32.71 -24.81 22.07
N SER A 679 32.84 -24.25 20.86
CA SER A 679 31.93 -23.22 20.40
C SER A 679 31.37 -23.48 19.01
N GLN A 680 31.36 -24.75 18.58
CA GLN A 680 30.97 -25.13 17.22
C GLN A 680 31.59 -24.20 16.18
N GLY A 681 32.83 -23.77 16.40
CA GLY A 681 33.54 -22.94 15.44
C GLY A 681 33.20 -21.47 15.47
N ARG A 682 32.31 -21.05 16.36
CA ARG A 682 31.81 -19.69 16.30
C ARG A 682 32.59 -18.73 17.20
N ALA A 683 33.34 -19.23 18.17
CA ALA A 683 34.18 -18.32 18.93
C ALA A 683 35.50 -18.09 18.20
N GLN A 684 36.21 -17.05 18.62
CA GLN A 684 37.57 -16.81 18.16
C GLN A 684 38.37 -16.20 19.30
N PHE A 685 39.70 -16.20 19.13
CA PHE A 685 40.56 -15.68 20.18
C PHE A 685 41.82 -15.10 19.57
N SER A 686 42.42 -14.17 20.32
CA SER A 686 43.74 -13.63 20.04
C SER A 686 44.58 -13.67 21.31
N MET A 687 45.89 -13.68 21.14
CA MET A 687 46.81 -13.94 22.23
C MET A 687 48.07 -13.10 22.03
N ILE A 688 48.43 -12.28 23.01
CA ILE A 688 49.68 -11.55 22.97
C ILE A 688 50.34 -11.66 24.33
N PHE A 689 51.66 -11.50 24.33
CA PHE A 689 52.41 -11.58 25.58
C PHE A 689 51.97 -10.47 26.52
N SER A 690 51.64 -10.84 27.75
CA SER A 690 51.32 -9.83 28.76
C SER A 690 52.56 -9.58 29.63
N HIS A 691 52.90 -10.51 30.51
CA HIS A 691 53.92 -10.26 31.51
C HIS A 691 54.46 -11.59 32.02
N TYR A 692 55.56 -11.50 32.77
CA TYR A 692 56.08 -12.61 33.55
C TYR A 692 55.53 -12.51 34.96
N ASP A 693 55.18 -13.65 35.55
CA ASP A 693 54.97 -13.72 36.99
C ASP A 693 55.45 -15.08 37.49
N GLN A 694 55.43 -15.26 38.81
CA GLN A 694 56.02 -16.46 39.39
C GLN A 694 55.17 -17.69 39.09
N VAL A 695 55.84 -18.83 39.03
CA VAL A 695 55.26 -20.13 38.69
C VAL A 695 54.83 -20.83 39.99
N PRO A 696 53.74 -21.60 39.97
CA PRO A 696 53.34 -22.34 41.18
C PRO A 696 54.32 -23.44 41.53
N SER A 697 54.19 -23.95 42.77
CA SER A 697 55.13 -24.95 43.29
C SER A 697 55.18 -26.19 42.41
N GLN A 698 54.02 -26.69 41.98
CA GLN A 698 53.97 -27.95 41.24
C GLN A 698 54.69 -27.84 39.90
N VAL A 699 54.57 -26.68 39.23
CA VAL A 699 55.23 -26.52 37.94
C VAL A 699 56.69 -26.15 38.12
N ALA A 700 57.02 -25.42 39.20
CA ALA A 700 58.42 -25.11 39.48
C ALA A 700 59.25 -26.37 39.68
N ASP A 701 58.67 -27.39 40.29
CA ASP A 701 59.35 -28.68 40.36
C ASP A 701 59.38 -29.36 39.00
N MET A 702 58.33 -29.18 38.19
CA MET A 702 58.31 -29.78 36.86
C MET A 702 59.39 -29.18 35.97
N ILE A 703 59.81 -27.96 36.24
CA ILE A 703 60.83 -27.30 35.43
C ILE A 703 62.23 -27.68 35.90
N LYS A 704 62.44 -27.76 37.22
CA LYS A 704 63.72 -28.24 37.74
C LYS A 704 63.94 -29.72 37.46
N ALA A 705 62.96 -30.42 36.89
CA ALA A 705 63.15 -31.81 36.52
C ALA A 705 64.27 -31.97 35.51
N LYS A 706 64.16 -31.27 34.38
CA LYS A 706 65.21 -31.28 33.37
C LYS A 706 66.48 -30.59 33.87
N HIS B 7 -44.98 26.72 20.85
CA HIS B 7 -44.37 26.16 19.64
C HIS B 7 -43.64 27.25 18.86
N HIS B 8 -42.85 28.05 19.57
CA HIS B 8 -42.09 29.12 18.93
C HIS B 8 -40.87 28.51 18.25
N MET B 9 -41.00 28.23 16.95
CA MET B 9 -39.92 27.65 16.18
C MET B 9 -39.99 28.21 14.76
N SER B 10 -38.87 28.71 14.26
CA SER B 10 -38.83 29.39 12.97
C SER B 10 -38.53 28.42 11.83
N LYS B 11 -39.18 28.62 10.70
CA LYS B 11 -39.09 27.73 9.55
C LYS B 11 -38.50 28.42 8.33
N ILE B 12 -37.58 29.36 8.53
CA ILE B 12 -37.03 30.11 7.41
C ILE B 12 -36.15 29.23 6.53
N ASN B 13 -35.32 28.39 7.13
CA ASN B 13 -34.42 27.50 6.40
C ASN B 13 -35.05 26.15 6.09
N LYS B 14 -36.39 26.09 6.02
CA LYS B 14 -37.05 24.79 5.92
C LYS B 14 -36.74 24.09 4.61
N LEU B 15 -36.73 24.84 3.50
CA LEU B 15 -36.68 24.22 2.18
C LEU B 15 -35.39 23.43 1.96
N GLU B 16 -34.28 23.89 2.54
CA GLU B 16 -33.01 23.19 2.36
C GLU B 16 -32.90 21.91 3.16
N GLN B 17 -33.82 21.64 4.08
CA GLN B 17 -33.72 20.50 4.98
C GLN B 17 -34.61 19.34 4.59
N ILE B 18 -35.27 19.43 3.44
CA ILE B 18 -36.21 18.40 3.00
C ILE B 18 -35.48 17.45 2.08
N ARG B 19 -35.78 16.16 2.22
CA ARG B 19 -35.34 15.13 1.28
C ARG B 19 -36.57 14.36 0.84
N ASN B 20 -36.99 14.56 -0.40
CA ASN B 20 -38.13 13.83 -0.96
C ASN B 20 -37.58 12.64 -1.76
N ILE B 21 -37.93 11.42 -1.34
CA ILE B 21 -37.27 10.23 -1.86
C ILE B 21 -38.29 9.11 -2.07
N GLY B 22 -37.87 8.16 -2.89
CA GLY B 22 -38.50 6.85 -2.96
C GLY B 22 -37.51 5.79 -2.53
N ILE B 23 -38.02 4.68 -2.01
CA ILE B 23 -37.22 3.49 -1.73
C ILE B 23 -37.75 2.37 -2.63
N CYS B 24 -36.92 1.92 -3.56
CA CYS B 24 -37.31 0.89 -4.53
C CYS B 24 -36.78 -0.45 -4.03
N ALA B 25 -37.65 -1.26 -3.43
CA ALA B 25 -37.28 -2.59 -2.96
C ALA B 25 -38.42 -3.57 -3.28
N HIS B 26 -38.10 -4.86 -3.19
CA HIS B 26 -39.06 -5.93 -3.43
C HIS B 26 -39.65 -6.40 -2.11
N ILE B 27 -40.96 -6.70 -2.12
CA ILE B 27 -41.68 -7.08 -0.92
C ILE B 27 -41.27 -8.48 -0.46
N ASP B 28 -41.91 -8.96 0.60
CA ASP B 28 -41.65 -10.28 1.17
C ASP B 28 -40.17 -10.48 1.51
N THR B 33 -39.26 -4.28 4.49
CA THR B 33 -38.74 -4.18 5.85
C THR B 33 -37.62 -3.17 5.92
N THR B 34 -36.89 -3.02 4.81
CA THR B 34 -35.85 -2.01 4.76
C THR B 34 -36.44 -0.61 4.87
N THR B 35 -37.64 -0.40 4.30
CA THR B 35 -38.36 0.83 4.56
C THR B 35 -38.94 0.85 5.97
N GLU B 36 -39.31 -0.33 6.48
CA GLU B 36 -39.77 -0.41 7.87
C GLU B 36 -38.63 -0.10 8.82
N ARG B 37 -37.44 -0.59 8.52
CA ARG B 37 -36.26 -0.24 9.32
C ARG B 37 -36.06 1.27 9.35
N ILE B 38 -36.10 1.92 8.18
CA ILE B 38 -35.91 3.37 8.13
C ILE B 38 -36.94 4.07 9.02
N LEU B 39 -38.19 3.64 8.96
CA LEU B 39 -39.23 4.28 9.75
C LEU B 39 -38.97 4.09 11.25
N TYR B 40 -38.66 2.87 11.66
CA TYR B 40 -38.37 2.63 13.08
C TYR B 40 -37.23 3.51 13.57
N TYR B 41 -36.14 3.58 12.78
CA TYR B 41 -34.95 4.27 13.25
C TYR B 41 -35.17 5.77 13.43
N THR B 42 -36.09 6.36 12.69
CA THR B 42 -36.33 7.79 12.87
C THR B 42 -37.13 8.10 14.12
N GLY B 43 -38.00 7.18 14.54
CA GLY B 43 -38.83 7.40 15.71
C GLY B 43 -38.10 7.32 17.03
N LYS B 44 -37.24 6.30 17.19
CA LYS B 44 -36.53 6.06 18.44
C LYS B 44 -35.58 7.20 18.80
N THR B 72 -50.46 2.01 4.71
CA THR B 72 -49.49 2.12 3.62
C THR B 72 -49.84 3.32 2.75
N SER B 73 -49.80 4.49 3.34
CA SER B 73 -50.26 5.70 2.66
C SER B 73 -49.32 6.09 1.53
N ALA B 74 -49.79 7.04 0.72
CA ALA B 74 -49.03 7.49 -0.45
C ALA B 74 -47.69 8.09 -0.10
N ALA B 75 -47.49 8.50 1.15
CA ALA B 75 -46.25 9.11 1.54
C ALA B 75 -46.14 9.02 3.03
N THR B 76 -44.91 8.93 3.52
CA THR B 76 -44.64 8.88 4.94
C THR B 76 -43.51 9.83 5.25
N THR B 77 -43.69 10.63 6.29
CA THR B 77 -42.74 11.66 6.68
C THR B 77 -42.05 11.24 7.97
N CYS B 78 -40.73 11.37 8.00
CA CYS B 78 -39.94 11.10 9.17
C CYS B 78 -38.80 12.10 9.23
N ARG B 79 -37.97 12.01 10.26
CA ARG B 79 -36.91 12.98 10.50
C ARG B 79 -35.60 12.26 10.68
N TRP B 80 -34.53 12.87 10.18
CA TRP B 80 -33.17 12.39 10.43
C TRP B 80 -32.25 13.60 10.52
N GLN B 81 -31.35 13.56 11.51
CA GLN B 81 -30.55 14.73 11.90
C GLN B 81 -31.52 15.90 12.01
N ASP B 82 -31.28 17.03 11.34
CA ASP B 82 -32.22 18.13 11.33
C ASP B 82 -33.07 18.17 10.05
N LYS B 83 -33.19 17.04 9.37
CA LYS B 83 -33.82 17.00 8.06
C LYS B 83 -35.20 16.34 8.14
N VAL B 84 -36.10 16.78 7.27
CA VAL B 84 -37.39 16.14 7.08
C VAL B 84 -37.30 15.26 5.84
N ILE B 85 -37.52 13.97 6.01
CA ILE B 85 -37.50 13.01 4.91
C ILE B 85 -38.93 12.62 4.58
N ASN B 86 -39.33 12.77 3.32
CA ASN B 86 -40.66 12.37 2.88
C ASN B 86 -40.51 11.19 1.92
N ILE B 87 -40.99 10.03 2.34
CA ILE B 87 -40.81 8.79 1.60
C ILE B 87 -42.07 8.55 0.77
N ILE B 88 -41.93 8.71 -0.54
CA ILE B 88 -43.04 8.53 -1.47
C ILE B 88 -43.16 7.05 -1.82
N ASP B 89 -44.35 6.50 -1.62
CA ASP B 89 -44.60 5.09 -1.91
C ASP B 89 -44.36 4.80 -3.40
N THR B 90 -43.85 3.59 -3.67
CA THR B 90 -43.55 3.14 -5.03
C THR B 90 -44.10 1.73 -5.23
N PRO B 91 -44.94 1.51 -6.24
CA PRO B 91 -45.44 0.17 -6.51
C PRO B 91 -44.56 -0.58 -7.51
N GLY B 92 -44.87 -1.88 -7.67
CA GLY B 92 -44.23 -2.68 -8.70
C GLY B 92 -44.89 -2.44 -10.05
N HIS B 93 -44.06 -2.20 -11.06
CA HIS B 93 -44.55 -1.80 -12.38
C HIS B 93 -44.19 -2.87 -13.41
N VAL B 94 -45.21 -3.64 -13.82
CA VAL B 94 -45.05 -4.51 -14.99
C VAL B 94 -44.97 -3.67 -16.26
N ASP B 95 -45.77 -2.61 -16.34
CA ASP B 95 -45.72 -1.64 -17.41
C ASP B 95 -45.61 -0.25 -16.81
N PHE B 96 -44.95 0.65 -17.54
CA PHE B 96 -44.69 2.00 -17.06
C PHE B 96 -46.01 2.78 -17.01
N THR B 97 -46.75 2.54 -15.94
CA THR B 97 -48.08 3.13 -15.76
C THR B 97 -47.99 4.65 -15.55
N ILE B 98 -49.16 5.28 -15.58
CA ILE B 98 -49.27 6.68 -15.19
C ILE B 98 -48.93 6.84 -13.72
N GLU B 99 -49.17 5.78 -12.93
CA GLU B 99 -48.92 5.86 -11.49
C GLU B 99 -47.42 6.04 -11.21
N VAL B 100 -46.58 5.20 -11.81
CA VAL B 100 -45.15 5.30 -11.57
C VAL B 100 -44.62 6.65 -12.04
N GLU B 101 -45.10 7.14 -13.19
CA GLU B 101 -44.65 8.44 -13.65
C GLU B 101 -45.02 9.54 -12.67
N ARG B 102 -46.23 9.50 -12.11
CA ARG B 102 -46.63 10.52 -11.15
C ARG B 102 -45.70 10.52 -9.95
N SER B 103 -45.67 9.40 -9.21
CA SER B 103 -44.88 9.31 -8.00
C SER B 103 -43.40 9.60 -8.27
N LEU B 104 -42.92 9.30 -9.48
CA LEU B 104 -41.52 9.57 -9.82
C LEU B 104 -41.25 11.06 -9.95
N ARG B 105 -42.27 11.82 -10.35
CA ARG B 105 -42.09 13.26 -10.52
CA ARG B 105 -42.10 13.26 -10.52
C ARG B 105 -42.01 13.97 -9.17
N VAL B 106 -42.76 13.51 -8.17
CA VAL B 106 -42.84 14.25 -6.92
C VAL B 106 -41.74 13.89 -5.94
N LEU B 107 -40.96 12.84 -6.20
CA LEU B 107 -39.73 12.60 -5.46
C LEU B 107 -38.55 13.20 -6.21
N ASP B 108 -37.51 13.56 -5.45
CA ASP B 108 -36.33 14.18 -6.00
C ASP B 108 -35.12 13.26 -6.04
N GLY B 109 -35.16 12.13 -5.33
CA GLY B 109 -34.06 11.19 -5.30
C GLY B 109 -34.59 9.87 -4.79
N ALA B 110 -33.78 8.83 -4.90
CA ALA B 110 -34.26 7.48 -4.56
C ALA B 110 -33.12 6.61 -4.05
N VAL B 111 -33.47 5.62 -3.25
CA VAL B 111 -32.57 4.54 -2.86
C VAL B 111 -33.09 3.26 -3.49
N ALA B 112 -32.22 2.58 -4.25
CA ALA B 112 -32.55 1.30 -4.86
C ALA B 112 -31.94 0.18 -4.02
N VAL B 113 -32.77 -0.72 -3.53
CA VAL B 113 -32.32 -1.85 -2.73
C VAL B 113 -32.03 -3.03 -3.64
N PHE B 114 -30.85 -3.62 -3.48
CA PHE B 114 -30.48 -4.81 -4.25
C PHE B 114 -30.21 -5.98 -3.31
N ASP B 115 -30.72 -7.15 -3.70
CA ASP B 115 -30.56 -8.37 -2.93
C ASP B 115 -29.08 -8.76 -2.89
N GLY B 116 -28.50 -8.81 -1.69
CA GLY B 116 -27.10 -9.21 -1.57
C GLY B 116 -26.87 -10.67 -1.87
N VAL B 117 -27.88 -11.51 -1.69
CA VAL B 117 -27.76 -12.92 -2.02
C VAL B 117 -27.97 -13.15 -3.51
N ALA B 118 -29.12 -12.70 -4.04
CA ALA B 118 -29.43 -12.95 -5.44
C ALA B 118 -28.70 -12.00 -6.38
N GLY B 119 -28.41 -10.78 -5.94
CA GLY B 119 -27.87 -9.77 -6.85
C GLY B 119 -28.98 -9.01 -7.56
N VAL B 120 -28.63 -8.46 -8.72
CA VAL B 120 -29.59 -7.69 -9.50
C VAL B 120 -30.62 -8.64 -10.09
N GLU B 121 -31.90 -8.29 -9.91
CA GLU B 121 -33.00 -9.14 -10.32
C GLU B 121 -33.89 -8.44 -11.33
N PRO B 122 -34.70 -9.19 -12.09
CA PRO B 122 -35.63 -8.57 -13.04
C PRO B 122 -36.44 -7.41 -12.46
N GLN B 123 -37.04 -7.58 -11.28
CA GLN B 123 -37.77 -6.48 -10.66
C GLN B 123 -36.89 -5.24 -10.53
N SER B 124 -35.79 -5.36 -9.79
CA SER B 124 -34.97 -4.19 -9.50
C SER B 124 -34.26 -3.66 -10.73
N GLU B 125 -33.87 -4.55 -11.66
CA GLU B 125 -33.36 -4.07 -12.95
C GLU B 125 -34.40 -3.20 -13.66
N THR B 126 -35.66 -3.64 -13.72
CA THR B 126 -36.64 -2.86 -14.50
C THR B 126 -36.98 -1.55 -13.80
N VAL B 127 -37.10 -1.55 -12.47
CA VAL B 127 -37.36 -0.26 -11.81
C VAL B 127 -36.13 0.63 -11.86
N TRP B 128 -34.94 0.06 -12.03
CA TRP B 128 -33.76 0.90 -12.21
C TRP B 128 -33.75 1.54 -13.59
N ARG B 129 -34.12 0.78 -14.62
CA ARG B 129 -34.19 1.37 -15.95
C ARG B 129 -35.24 2.45 -16.04
N GLN B 130 -36.35 2.32 -15.30
CA GLN B 130 -37.34 3.39 -15.37
C GLN B 130 -36.91 4.60 -14.56
N ALA B 131 -36.18 4.40 -13.46
CA ALA B 131 -35.51 5.54 -12.83
C ALA B 131 -34.49 6.16 -13.80
N ASP B 132 -33.80 5.32 -14.57
CA ASP B 132 -32.87 5.81 -15.59
C ASP B 132 -33.55 6.69 -16.62
N LYS B 133 -34.82 6.42 -16.94
CA LYS B 133 -35.51 7.21 -17.95
C LYS B 133 -35.73 8.65 -17.52
N TYR B 134 -35.49 8.99 -16.25
CA TYR B 134 -35.63 10.36 -15.79
C TYR B 134 -34.38 10.90 -15.12
N ASN B 135 -33.28 10.15 -15.12
CA ASN B 135 -32.07 10.51 -14.40
C ASN B 135 -32.38 10.93 -12.96
N VAL B 136 -33.16 10.08 -12.28
CA VAL B 136 -33.41 10.24 -10.86
C VAL B 136 -32.09 10.08 -10.12
N PRO B 137 -31.67 11.06 -9.33
CA PRO B 137 -30.49 10.85 -8.47
C PRO B 137 -30.76 9.71 -7.50
N ARG B 138 -29.81 8.78 -7.44
CA ARG B 138 -30.03 7.51 -6.76
C ARG B 138 -28.76 7.06 -6.03
N MET B 139 -28.96 6.23 -5.00
CA MET B 139 -27.94 5.45 -4.36
C MET B 139 -28.40 4.00 -4.34
N CYS B 140 -27.47 3.09 -4.12
CA CYS B 140 -27.78 1.67 -4.07
C CYS B 140 -27.48 1.13 -2.69
N PHE B 141 -28.34 0.24 -2.20
CA PHE B 141 -28.17 -0.37 -0.89
C PHE B 141 -28.21 -1.88 -1.05
N VAL B 142 -27.06 -2.52 -0.89
CA VAL B 142 -26.95 -3.96 -1.02
C VAL B 142 -27.27 -4.58 0.34
N ASN B 143 -28.47 -5.11 0.49
CA ASN B 143 -28.91 -5.58 1.79
C ASN B 143 -28.61 -7.07 1.93
N LYS B 144 -29.14 -7.69 2.99
CA LYS B 144 -29.01 -9.13 3.24
C LYS B 144 -27.54 -9.56 3.42
N MET B 145 -26.77 -8.71 4.11
CA MET B 145 -25.35 -9.04 4.33
C MET B 145 -25.18 -10.22 5.28
N ASP B 146 -26.13 -10.43 6.20
CA ASP B 146 -26.00 -11.51 7.15
C ASP B 146 -26.40 -12.86 6.59
N ARG B 147 -26.97 -12.92 5.39
CA ARG B 147 -27.52 -14.15 4.84
C ARG B 147 -26.43 -14.99 4.18
N MET B 148 -26.66 -16.30 4.15
CA MET B 148 -25.72 -17.19 3.48
C MET B 148 -25.70 -16.88 1.98
N GLY B 149 -24.49 -16.93 1.40
CA GLY B 149 -24.33 -16.58 0.01
C GLY B 149 -24.26 -15.09 -0.28
N ALA B 150 -24.28 -14.24 0.73
CA ALA B 150 -24.13 -12.81 0.51
C ALA B 150 -22.80 -12.52 -0.16
N ASP B 151 -22.81 -11.63 -1.14
CA ASP B 151 -21.60 -11.29 -1.88
C ASP B 151 -21.75 -9.87 -2.42
N PHE B 152 -21.32 -8.89 -1.62
CA PHE B 152 -21.33 -7.49 -2.03
C PHE B 152 -20.69 -7.32 -3.41
N TYR B 153 -19.54 -7.96 -3.64
CA TYR B 153 -18.76 -7.68 -4.84
C TYR B 153 -19.38 -8.30 -6.08
N ARG B 154 -20.00 -9.47 -5.95
CA ARG B 154 -20.70 -10.06 -7.08
C ARG B 154 -21.90 -9.20 -7.48
N CYS B 155 -22.69 -8.78 -6.49
CA CYS B 155 -23.88 -7.96 -6.76
C CYS B 155 -23.50 -6.59 -7.30
N VAL B 156 -22.39 -6.02 -6.83
CA VAL B 156 -21.96 -4.70 -7.29
C VAL B 156 -21.49 -4.77 -8.73
N GLU B 157 -20.82 -5.85 -9.11
CA GLU B 157 -20.42 -6.00 -10.50
C GLU B 157 -21.65 -6.06 -11.42
N MET B 158 -22.72 -6.72 -10.98
CA MET B 158 -23.95 -6.76 -11.76
C MET B 158 -24.49 -5.35 -11.96
N ILE B 159 -24.49 -4.54 -10.91
CA ILE B 159 -24.92 -3.15 -11.03
C ILE B 159 -24.07 -2.43 -12.07
N LYS B 160 -22.78 -2.79 -12.15
CA LYS B 160 -21.88 -2.13 -13.09
C LYS B 160 -22.09 -2.65 -14.51
N ASP B 161 -22.07 -3.96 -14.70
CA ASP B 161 -22.12 -4.55 -16.04
C ASP B 161 -23.53 -4.69 -16.60
N ARG B 162 -24.51 -5.07 -15.78
CA ARG B 162 -25.86 -5.34 -16.29
C ARG B 162 -26.75 -4.11 -16.29
N LEU B 163 -26.60 -3.22 -15.31
CA LEU B 163 -27.33 -1.96 -15.31
C LEU B 163 -26.54 -0.82 -15.96
N GLY B 164 -25.26 -1.04 -16.24
CA GLY B 164 -24.43 0.02 -16.82
C GLY B 164 -24.32 1.26 -15.96
N ALA B 165 -24.48 1.12 -14.65
CA ALA B 165 -24.41 2.25 -13.74
C ALA B 165 -22.96 2.53 -13.34
N ARG B 166 -22.63 3.81 -13.18
CA ARG B 166 -21.30 4.23 -12.74
C ARG B 166 -21.33 4.26 -11.23
N SER B 167 -20.82 3.20 -10.62
CA SER B 167 -20.92 3.02 -9.17
C SER B 167 -19.86 3.83 -8.45
N LEU B 168 -20.24 4.44 -7.34
CA LEU B 168 -19.31 5.12 -6.45
C LEU B 168 -19.37 4.37 -5.13
N ILE B 169 -18.56 3.30 -5.03
CA ILE B 169 -18.54 2.50 -3.82
C ILE B 169 -17.97 3.34 -2.69
N ILE B 170 -18.69 3.42 -1.58
CA ILE B 170 -18.25 4.21 -0.45
C ILE B 170 -18.28 3.36 0.81
N GLN B 171 -18.45 2.05 0.65
CA GLN B 171 -18.53 1.14 1.76
C GLN B 171 -18.07 -0.24 1.32
N LEU B 172 -17.37 -0.93 2.21
CA LEU B 172 -17.06 -2.34 2.06
C LEU B 172 -17.62 -3.09 3.26
N PRO B 173 -18.26 -4.24 3.06
CA PRO B 173 -18.74 -5.01 4.21
C PRO B 173 -17.57 -5.61 4.96
N ILE B 174 -17.68 -5.65 6.29
CA ILE B 174 -16.69 -6.31 7.15
C ILE B 174 -17.31 -7.59 7.68
N GLY B 175 -16.68 -8.72 7.35
CA GLY B 175 -17.26 -10.02 7.62
C GLY B 175 -18.38 -10.36 6.64
N ILE B 176 -18.77 -11.63 6.67
CA ILE B 176 -19.82 -12.14 5.78
C ILE B 176 -20.51 -13.29 6.50
N GLU B 177 -21.66 -13.70 5.97
CA GLU B 177 -22.48 -14.77 6.55
C GLU B 177 -22.90 -14.30 7.95
N GLU B 178 -22.83 -15.16 8.96
CA GLU B 178 -23.15 -14.75 10.33
C GLU B 178 -22.07 -13.89 10.96
N ASN B 179 -20.90 -13.77 10.33
CA ASN B 179 -19.81 -12.95 10.84
C ASN B 179 -19.86 -11.52 10.32
N PHE B 180 -20.93 -11.15 9.63
CA PHE B 180 -21.11 -9.77 9.20
C PHE B 180 -21.30 -8.89 10.43
N LYS B 181 -20.34 -8.01 10.69
CA LYS B 181 -20.31 -7.25 11.93
C LYS B 181 -20.16 -5.76 11.72
N GLY B 182 -19.85 -5.30 10.51
CA GLY B 182 -19.71 -3.87 10.30
C GLY B 182 -19.32 -3.58 8.87
N ILE B 183 -19.00 -2.31 8.61
CA ILE B 183 -18.70 -1.84 7.27
C ILE B 183 -17.53 -0.88 7.32
N VAL B 184 -16.78 -0.81 6.22
CA VAL B 184 -15.70 0.15 6.07
C VAL B 184 -16.27 1.39 5.36
N ASN B 185 -16.39 2.49 6.10
CA ASN B 185 -16.67 3.79 5.53
C ASN B 185 -15.43 4.26 4.77
N LEU B 186 -15.53 4.36 3.44
CA LEU B 186 -14.38 4.75 2.63
C LEU B 186 -14.16 6.26 2.60
N ILE B 187 -15.15 7.04 3.05
CA ILE B 187 -15.03 8.49 3.02
C ILE B 187 -14.10 8.96 4.14
N LYS B 188 -14.47 8.65 5.38
CA LYS B 188 -13.61 8.93 6.52
C LYS B 188 -12.49 7.90 6.65
N MET B 189 -12.55 6.81 5.88
CA MET B 189 -11.53 5.76 5.85
C MET B 189 -11.38 5.04 7.20
N LYS B 190 -12.37 5.16 8.08
CA LYS B 190 -12.38 4.47 9.36
C LYS B 190 -13.11 3.14 9.20
N ALA B 191 -13.53 2.54 10.32
CA ALA B 191 -14.30 1.29 10.27
C ALA B 191 -15.31 1.31 11.40
N VAL B 192 -16.51 0.82 11.13
CA VAL B 192 -17.63 0.89 12.06
C VAL B 192 -18.11 -0.53 12.34
N ILE B 193 -18.14 -0.91 13.61
CA ILE B 193 -18.51 -2.25 14.03
C ILE B 193 -19.81 -2.18 14.83
N TRP B 194 -20.49 -3.32 14.92
CA TRP B 194 -21.72 -3.45 15.69
C TRP B 194 -21.66 -4.71 16.55
N LYS B 195 -22.19 -4.62 17.78
CA LYS B 195 -22.21 -5.75 18.70
C LYS B 195 -23.46 -5.62 19.60
N ASP B 196 -24.61 -5.99 19.03
CA ASP B 196 -25.87 -5.96 19.77
C ASP B 196 -26.27 -7.36 20.22
N GLU B 202 -23.85 -1.97 21.46
CA GLU B 202 -23.17 -0.72 21.19
C GLU B 202 -22.58 -0.70 19.78
N TYR B 203 -21.89 0.39 19.43
CA TYR B 203 -21.12 0.42 18.20
C TYR B 203 -19.96 1.39 18.37
N PHE B 204 -18.90 1.18 17.59
CA PHE B 204 -17.73 2.04 17.70
C PHE B 204 -17.06 2.18 16.33
N GLU B 205 -16.40 3.32 16.14
CA GLU B 205 -15.59 3.60 14.95
C GLU B 205 -14.12 3.37 15.30
N GLU B 206 -13.55 2.27 14.81
CA GLU B 206 -12.15 1.95 14.98
C GLU B 206 -11.42 2.13 13.65
N ASP B 207 -10.22 1.55 13.55
CA ASP B 207 -9.41 1.59 12.34
C ASP B 207 -9.72 0.39 11.44
N ILE B 208 -9.36 0.53 10.17
CA ILE B 208 -9.62 -0.51 9.17
C ILE B 208 -8.84 -1.76 9.56
N PRO B 209 -9.51 -2.91 9.75
CA PRO B 209 -8.80 -4.12 10.15
C PRO B 209 -7.69 -4.49 9.17
N ALA B 210 -6.76 -5.32 9.67
CA ALA B 210 -5.54 -5.61 8.93
C ALA B 210 -5.84 -6.29 7.60
N ASP B 211 -6.70 -7.31 7.62
CA ASP B 211 -6.95 -8.09 6.42
C ASP B 211 -7.67 -7.32 5.33
N MET B 212 -8.19 -6.13 5.63
CA MET B 212 -8.89 -5.34 4.63
C MET B 212 -8.22 -4.03 4.30
N GLN B 213 -7.06 -3.74 4.88
CA GLN B 213 -6.38 -2.49 4.56
C GLN B 213 -5.93 -2.46 3.10
N ASP B 214 -5.54 -3.61 2.55
CA ASP B 214 -5.11 -3.63 1.15
C ASP B 214 -6.29 -3.44 0.22
N LYS B 215 -7.46 -3.98 0.58
CA LYS B 215 -8.65 -3.82 -0.25
C LYS B 215 -9.24 -2.42 -0.14
N ALA B 216 -9.35 -1.89 1.08
CA ALA B 216 -9.85 -0.52 1.24
C ALA B 216 -8.94 0.50 0.56
N ALA B 217 -7.63 0.21 0.50
CA ALA B 217 -6.69 1.15 -0.11
C ALA B 217 -7.02 1.37 -1.59
N GLU B 218 -7.30 0.29 -2.32
CA GLU B 218 -7.60 0.42 -3.75
C GLU B 218 -8.93 1.12 -3.96
N TYR B 219 -9.95 0.75 -3.18
CA TYR B 219 -11.27 1.36 -3.37
C TYR B 219 -11.26 2.84 -3.02
N ARG B 220 -10.55 3.21 -1.94
CA ARG B 220 -10.33 4.63 -1.65
C ARG B 220 -9.77 5.35 -2.86
N ALA B 221 -8.81 4.72 -3.55
CA ALA B 221 -8.25 5.33 -4.76
C ALA B 221 -9.28 5.36 -5.88
N ARG B 222 -9.94 4.22 -6.13
CA ARG B 222 -11.00 4.17 -7.13
C ARG B 222 -12.07 5.21 -6.88
N LEU B 223 -12.36 5.51 -5.61
CA LEU B 223 -13.31 6.55 -5.25
C LEU B 223 -12.77 7.93 -5.63
N LEU B 224 -11.60 8.28 -5.11
CA LEU B 224 -11.05 9.62 -5.34
C LEU B 224 -10.89 9.90 -6.83
N ASP B 225 -10.54 8.87 -7.61
CA ASP B 225 -10.57 8.97 -9.06
C ASP B 225 -11.88 9.60 -9.55
N MET B 226 -13.01 8.97 -9.19
CA MET B 226 -14.30 9.44 -9.69
C MET B 226 -14.67 10.78 -9.09
N VAL B 227 -14.41 10.98 -7.80
CA VAL B 227 -14.90 12.17 -7.12
C VAL B 227 -14.22 13.42 -7.65
N VAL B 228 -12.92 13.36 -7.95
CA VAL B 228 -12.22 14.55 -8.43
C VAL B 228 -12.45 14.81 -9.91
N GLU B 229 -13.08 13.89 -10.64
CA GLU B 229 -13.39 14.14 -12.04
C GLU B 229 -14.43 15.24 -12.22
N LEU B 230 -14.88 15.87 -11.14
CA LEU B 230 -15.96 16.86 -11.16
C LEU B 230 -15.50 18.28 -10.86
N ASP B 231 -14.23 18.48 -10.50
CA ASP B 231 -13.77 19.80 -10.06
C ASP B 231 -12.31 19.97 -10.43
N ASP B 232 -12.03 20.87 -11.38
CA ASP B 232 -10.67 21.07 -11.85
C ASP B 232 -9.77 21.72 -10.80
N THR B 233 -10.34 22.43 -9.82
CA THR B 233 -9.52 23.12 -8.83
C THR B 233 -8.88 22.14 -7.85
N ILE B 234 -9.70 21.25 -7.26
CA ILE B 234 -9.14 20.19 -6.42
C ILE B 234 -8.48 19.13 -7.26
N MET B 235 -8.75 19.10 -8.57
CA MET B 235 -8.04 18.20 -9.47
C MET B 235 -6.55 18.49 -9.47
N GLU B 236 -6.19 19.77 -9.66
CA GLU B 236 -4.77 20.15 -9.62
C GLU B 236 -4.21 20.04 -8.21
N GLN B 237 -5.05 20.20 -7.19
CA GLN B 237 -4.59 19.95 -5.82
C GLN B 237 -4.46 18.46 -5.53
N TYR B 238 -5.10 17.60 -6.33
CA TYR B 238 -4.99 16.16 -6.17
C TYR B 238 -3.64 15.64 -6.65
N LEU B 239 -2.97 16.37 -7.55
CA LEU B 239 -1.60 16.04 -7.91
C LEU B 239 -0.61 16.34 -6.80
N SER B 240 -0.99 17.23 -5.86
CA SER B 240 -0.09 17.66 -4.80
C SER B 240 0.25 16.56 -3.80
N GLY B 241 -0.48 15.45 -3.81
CA GLY B 241 -0.25 14.42 -2.82
C GLY B 241 -0.73 14.78 -1.43
N ALA B 242 -1.59 15.78 -1.31
CA ALA B 242 -2.10 16.23 -0.02
C ALA B 242 -3.43 15.55 0.28
N GLU B 243 -3.58 15.05 1.49
CA GLU B 243 -4.80 14.35 1.89
C GLU B 243 -5.99 15.30 1.93
N ILE B 244 -7.11 14.83 1.39
CA ILE B 244 -8.32 15.65 1.23
C ILE B 244 -9.28 15.34 2.37
N THR B 245 -9.91 16.38 2.90
CA THR B 245 -10.75 16.25 4.07
C THR B 245 -12.05 15.52 3.74
N GLU B 246 -12.73 15.05 4.78
CA GLU B 246 -14.05 14.46 4.62
C GLU B 246 -15.04 15.49 4.09
N GLU B 247 -14.86 16.76 4.44
CA GLU B 247 -15.80 17.80 4.04
C GLU B 247 -15.76 18.05 2.53
N GLN B 248 -14.56 18.00 1.95
CA GLN B 248 -14.43 18.21 0.51
C GLN B 248 -15.03 17.04 -0.27
N ILE B 249 -14.72 15.81 0.13
CA ILE B 249 -15.20 14.65 -0.60
C ILE B 249 -16.73 14.59 -0.57
N LYS B 250 -17.30 14.79 0.62
CA LYS B 250 -18.75 14.73 0.76
C LYS B 250 -19.43 15.77 -0.10
N ILE B 251 -18.88 16.98 -0.16
CA ILE B 251 -19.38 17.98 -1.11
C ILE B 251 -19.36 17.43 -2.53
N LEU B 252 -18.20 16.86 -2.93
CA LEU B 252 -18.09 16.35 -4.29
C LEU B 252 -18.96 15.12 -4.52
N ILE B 253 -19.26 14.36 -3.46
CA ILE B 253 -20.17 13.23 -3.63
C ILE B 253 -21.61 13.73 -3.78
N ARG B 254 -21.97 14.77 -3.01
CA ARG B 254 -23.30 15.34 -3.15
C ARG B 254 -23.52 15.88 -4.56
N LYS B 255 -22.50 16.51 -5.14
CA LYS B 255 -22.64 17.05 -6.50
C LYS B 255 -22.86 15.92 -7.51
N GLY B 256 -21.98 14.92 -7.50
CA GLY B 256 -22.09 13.83 -8.46
C GLY B 256 -23.36 13.03 -8.33
N THR B 257 -23.87 12.88 -7.10
CA THR B 257 -25.12 12.16 -6.90
C THR B 257 -26.31 12.99 -7.40
N ILE B 258 -26.40 14.23 -6.93
CA ILE B 258 -27.42 15.18 -7.38
C ILE B 258 -27.47 15.26 -8.89
N GLU B 259 -26.32 15.21 -9.55
CA GLU B 259 -26.24 15.35 -10.99
C GLU B 259 -26.38 14.04 -11.74
N ALA B 260 -26.56 12.92 -11.03
CA ALA B 260 -26.58 11.58 -11.62
C ALA B 260 -25.31 11.24 -12.39
N ARG B 261 -24.18 11.89 -12.06
CA ARG B 261 -22.92 11.47 -12.66
C ARG B 261 -22.51 10.08 -12.18
N PHE B 262 -22.80 9.75 -10.92
CA PHE B 262 -22.53 8.42 -10.41
C PHE B 262 -23.53 8.12 -9.29
N TYR B 263 -23.60 6.85 -8.93
CA TYR B 263 -24.55 6.41 -7.91
C TYR B 263 -23.80 5.77 -6.74
N PRO B 264 -23.82 6.38 -5.56
CA PRO B 264 -23.11 5.80 -4.40
C PRO B 264 -23.65 4.42 -4.03
N ILE B 265 -22.76 3.58 -3.54
CA ILE B 265 -23.10 2.19 -3.21
C ILE B 265 -22.79 1.94 -1.75
N LEU B 266 -23.84 1.61 -0.98
CA LEU B 266 -23.75 1.26 0.43
C LEU B 266 -24.18 -0.19 0.61
N CYS B 267 -24.06 -0.69 1.83
CA CYS B 267 -24.47 -2.04 2.12
C CYS B 267 -24.89 -2.12 3.59
N GLY B 268 -25.42 -3.27 3.96
CA GLY B 268 -25.96 -3.43 5.30
C GLY B 268 -26.79 -4.69 5.37
N SER B 269 -27.52 -4.81 6.48
CA SER B 269 -28.42 -5.94 6.67
C SER B 269 -29.54 -5.46 7.59
N ALA B 270 -30.76 -5.39 7.07
CA ALA B 270 -31.87 -4.90 7.87
C ALA B 270 -32.20 -5.85 9.01
N PHE B 271 -32.04 -7.16 8.80
CA PHE B 271 -32.35 -8.11 9.86
C PHE B 271 -31.40 -7.94 11.03
N LYS B 272 -30.10 -8.20 10.81
CA LYS B 272 -29.10 -7.96 11.85
C LYS B 272 -29.02 -6.49 12.25
N ASN B 273 -29.72 -5.60 11.54
CA ASN B 273 -29.78 -4.18 11.86
C ASN B 273 -28.38 -3.56 11.90
N LYS B 274 -27.72 -3.60 10.74
CA LYS B 274 -26.40 -3.00 10.57
C LYS B 274 -26.40 -2.17 9.28
N GLY B 275 -25.85 -0.96 9.35
CA GLY B 275 -25.73 -0.12 8.18
C GLY B 275 -26.93 0.75 7.87
N VAL B 276 -28.04 0.58 8.57
CA VAL B 276 -29.21 1.42 8.31
C VAL B 276 -28.89 2.89 8.60
N GLN B 277 -28.25 3.16 9.74
CA GLN B 277 -27.88 4.54 10.09
C GLN B 277 -26.93 5.15 9.06
N PRO B 278 -25.84 4.49 8.63
CA PRO B 278 -25.09 5.02 7.48
C PRO B 278 -25.96 5.32 6.27
N LEU B 279 -26.94 4.47 5.96
CA LEU B 279 -27.83 4.75 4.84
C LEU B 279 -28.62 6.04 5.08
N LEU B 280 -29.15 6.22 6.28
CA LEU B 280 -29.87 7.46 6.60
C LEU B 280 -28.97 8.68 6.49
N ASP B 281 -27.73 8.59 6.97
CA ASP B 281 -26.79 9.71 6.87
C ASP B 281 -26.50 10.05 5.41
N ALA B 282 -26.26 9.03 4.58
CA ALA B 282 -26.01 9.26 3.15
C ALA B 282 -27.23 9.86 2.45
N ILE B 283 -28.44 9.41 2.82
CA ILE B 283 -29.66 10.02 2.29
C ILE B 283 -29.62 11.52 2.54
N VAL B 284 -29.38 11.90 3.78
CA VAL B 284 -29.31 13.31 4.15
C VAL B 284 -28.17 14.00 3.42
N ASP B 285 -27.01 13.33 3.31
CA ASP B 285 -25.81 14.00 2.82
C ASP B 285 -25.74 14.07 1.30
N PHE B 286 -26.28 13.10 0.57
CA PHE B 286 -26.05 13.04 -0.86
C PHE B 286 -27.30 13.13 -1.74
N LEU B 287 -28.51 12.97 -1.16
CA LEU B 287 -29.65 13.10 -2.05
C LEU B 287 -30.18 14.53 -2.06
N PRO B 288 -30.77 14.98 -3.17
CA PRO B 288 -31.12 16.40 -3.30
C PRO B 288 -32.26 16.84 -2.39
N SER B 289 -32.26 18.14 -2.11
CA SER B 289 -33.38 18.86 -1.53
C SER B 289 -34.16 19.54 -2.64
N PRO B 290 -35.36 20.05 -2.34
CA PRO B 290 -36.12 20.77 -3.39
C PRO B 290 -35.41 22.01 -3.90
N ILE B 291 -34.56 22.64 -3.09
CA ILE B 291 -33.75 23.76 -3.58
C ILE B 291 -32.80 23.29 -4.68
N ASP B 292 -32.23 22.10 -4.51
CA ASP B 292 -31.34 21.57 -5.54
C ASP B 292 -32.08 21.36 -6.86
N ILE B 293 -33.37 21.03 -6.79
CA ILE B 293 -34.13 20.86 -8.02
C ILE B 293 -34.44 22.21 -8.66
N GLY B 294 -34.74 23.22 -7.84
CA GLY B 294 -34.88 24.60 -8.30
C GLY B 294 -36.16 25.05 -8.99
N ILE B 295 -36.64 24.28 -9.97
CA ILE B 295 -37.75 24.72 -10.79
C ILE B 295 -38.77 23.60 -10.92
N VAL B 296 -40.00 24.01 -11.21
CA VAL B 296 -41.07 23.11 -11.63
C VAL B 296 -41.67 23.68 -12.90
N LYS B 297 -41.96 22.81 -13.86
CA LYS B 297 -42.43 23.24 -15.18
C LYS B 297 -43.94 23.36 -15.18
N GLY B 298 -44.45 24.43 -15.78
CA GLY B 298 -45.89 24.60 -15.88
C GLY B 298 -46.24 25.75 -16.79
N ILE B 299 -47.51 26.12 -16.74
CA ILE B 299 -48.08 27.18 -17.57
C ILE B 299 -48.66 28.25 -16.67
N GLU B 300 -48.30 29.50 -16.93
CA GLU B 300 -48.97 30.63 -16.29
C GLU B 300 -50.32 30.83 -16.95
N VAL B 301 -51.40 30.66 -16.17
CA VAL B 301 -52.74 30.66 -16.73
C VAL B 301 -53.06 31.99 -17.40
N SER B 302 -52.60 33.10 -16.80
CA SER B 302 -52.95 34.42 -17.31
C SER B 302 -52.48 34.58 -18.76
N THR B 303 -51.20 34.37 -19.00
CA THR B 303 -50.63 34.53 -20.34
C THR B 303 -50.63 33.24 -21.15
N SER B 304 -51.07 32.12 -20.57
CA SER B 304 -50.99 30.80 -21.19
C SER B 304 -49.58 30.46 -21.66
N GLU B 305 -48.57 31.16 -21.14
CA GLU B 305 -47.19 30.95 -21.55
C GLU B 305 -46.53 29.90 -20.65
N GLU B 306 -45.59 29.16 -21.24
CA GLU B 306 -44.91 28.06 -20.57
C GLU B 306 -43.71 28.61 -19.81
N LYS B 307 -43.67 28.39 -18.50
CA LYS B 307 -42.63 28.93 -17.65
C LYS B 307 -42.05 27.84 -16.77
N ASP B 308 -40.84 28.09 -16.27
CA ASP B 308 -40.22 27.28 -15.23
C ASP B 308 -40.39 28.02 -13.91
N PHE B 309 -41.25 27.50 -13.05
CA PHE B 309 -41.47 28.36 -11.89
C PHE B 309 -40.43 28.06 -10.81
N PRO B 310 -39.91 29.09 -10.15
CA PRO B 310 -38.90 28.85 -9.10
C PRO B 310 -39.53 28.24 -7.87
N ILE B 311 -38.80 27.32 -7.25
CA ILE B 311 -39.25 26.70 -6.01
C ILE B 311 -38.87 27.63 -4.86
N SER B 312 -39.89 28.19 -4.20
CA SER B 312 -39.65 29.21 -3.18
C SER B 312 -40.85 29.29 -2.27
N ILE B 313 -40.57 29.64 -1.00
CA ILE B 313 -41.65 29.80 -0.04
C ILE B 313 -42.26 31.19 -0.09
N VAL B 314 -41.59 32.16 -0.73
CA VAL B 314 -42.13 33.51 -0.79
C VAL B 314 -42.92 33.77 -2.08
N GLU B 315 -42.94 32.84 -3.01
CA GLU B 315 -43.74 32.97 -4.22
C GLU B 315 -45.16 32.49 -3.93
N PRO B 316 -46.11 32.75 -4.85
CA PRO B 316 -47.48 32.27 -4.61
C PRO B 316 -47.56 30.76 -4.55
N PHE B 317 -48.61 30.28 -3.89
CA PHE B 317 -48.79 28.86 -3.64
C PHE B 317 -49.11 28.09 -4.93
N SER B 318 -48.57 26.88 -5.05
CA SER B 318 -48.90 25.97 -6.12
C SER B 318 -48.53 24.55 -5.69
N ALA B 319 -49.35 23.58 -6.08
CA ALA B 319 -49.10 22.21 -5.68
C ALA B 319 -49.70 21.26 -6.70
N LEU B 320 -49.09 20.10 -6.83
CA LEU B 320 -49.55 19.04 -7.72
C LEU B 320 -50.07 17.88 -6.88
N ALA B 321 -51.28 17.42 -7.19
CA ALA B 321 -51.88 16.25 -6.57
C ALA B 321 -51.42 15.01 -7.31
N PHE B 322 -50.89 14.03 -6.59
CA PHE B 322 -50.31 12.88 -7.25
C PHE B 322 -50.92 11.56 -6.85
N LYS B 323 -51.72 11.54 -5.79
CA LYS B 323 -52.44 10.35 -5.38
C LYS B 323 -53.66 10.81 -4.60
N ILE B 324 -54.78 10.13 -4.81
CA ILE B 324 -55.95 10.29 -3.98
C ILE B 324 -56.27 8.93 -3.38
N MET B 325 -56.29 8.85 -2.06
CA MET B 325 -56.78 7.67 -1.37
C MET B 325 -58.18 7.94 -0.81
N ASN B 326 -58.87 6.84 -0.48
CA ASN B 326 -60.23 6.91 0.05
C ASN B 326 -60.26 6.18 1.38
N ASP B 327 -60.46 6.92 2.46
CA ASP B 327 -60.37 6.41 3.82
C ASP B 327 -61.73 6.50 4.49
N PRO B 328 -62.19 5.44 5.17
CA PRO B 328 -63.55 5.45 5.71
C PRO B 328 -63.76 6.41 6.87
N PHE B 329 -62.69 6.92 7.48
CA PHE B 329 -62.81 7.81 8.62
C PHE B 329 -62.66 9.28 8.25
N VAL B 330 -61.75 9.60 7.35
CA VAL B 330 -61.52 10.98 6.95
C VAL B 330 -61.98 11.24 5.53
N GLY B 331 -62.47 10.23 4.83
CA GLY B 331 -62.90 10.42 3.46
C GLY B 331 -61.75 10.38 2.47
N SER B 332 -61.81 11.19 1.44
CA SER B 332 -60.75 11.19 0.44
C SER B 332 -59.55 11.99 0.96
N LEU B 333 -58.36 11.43 0.78
CA LEU B 333 -57.12 12.12 1.09
C LEU B 333 -56.41 12.40 -0.22
N THR B 334 -56.24 13.67 -0.54
CA THR B 334 -55.55 14.10 -1.75
C THR B 334 -54.13 14.45 -1.36
N PHE B 335 -53.18 13.62 -1.79
CA PHE B 335 -51.77 13.84 -1.50
C PHE B 335 -51.20 14.85 -2.49
N ILE B 336 -50.61 15.92 -1.96
CA ILE B 336 -50.07 16.98 -2.79
C ILE B 336 -48.60 17.19 -2.46
N ARG B 337 -47.87 17.68 -3.44
CA ARG B 337 -46.52 18.16 -3.26
C ARG B 337 -46.54 19.64 -3.54
N ILE B 338 -46.20 20.43 -2.53
CA ILE B 338 -46.16 21.88 -2.69
C ILE B 338 -44.85 22.27 -3.35
N TYR B 339 -44.93 23.04 -4.43
CA TYR B 339 -43.74 23.52 -5.12
C TYR B 339 -43.40 24.97 -4.82
N SER B 340 -44.35 25.75 -4.31
CA SER B 340 -44.09 27.15 -4.00
C SER B 340 -45.14 27.65 -3.02
N GLY B 341 -44.78 28.69 -2.26
CA GLY B 341 -45.73 29.32 -1.39
C GLY B 341 -46.09 28.51 -0.16
N LYS B 342 -47.23 28.87 0.43
CA LYS B 342 -47.72 28.33 1.68
C LYS B 342 -49.24 28.19 1.62
N ILE B 343 -49.77 27.22 2.36
CA ILE B 343 -51.20 27.17 2.65
C ILE B 343 -51.39 27.03 4.14
N THR B 344 -52.50 27.57 4.62
CA THR B 344 -53.01 27.34 5.96
C THR B 344 -54.43 26.79 5.85
N SER B 345 -54.84 26.03 6.85
CA SER B 345 -56.21 25.53 6.90
C SER B 345 -57.20 26.69 6.84
N GLY B 346 -58.29 26.50 6.10
CA GLY B 346 -59.28 27.54 5.90
C GLY B 346 -59.07 28.39 4.67
N ALA B 347 -57.86 28.42 4.12
CA ALA B 347 -57.60 29.22 2.94
C ALA B 347 -58.39 28.71 1.74
N THR B 348 -58.51 29.57 0.74
CA THR B 348 -59.14 29.24 -0.53
C THR B 348 -58.08 29.26 -1.63
N VAL B 349 -58.08 28.21 -2.46
CA VAL B 349 -57.19 28.10 -3.60
C VAL B 349 -58.02 27.80 -4.83
N ILE B 350 -57.37 27.77 -5.98
CA ILE B 350 -58.01 27.45 -7.25
C ILE B 350 -57.43 26.14 -7.77
N ASN B 351 -58.29 25.17 -8.00
CA ASN B 351 -57.93 24.01 -8.79
C ASN B 351 -57.90 24.49 -10.23
N THR B 352 -56.71 24.68 -10.80
CA THR B 352 -56.62 25.31 -12.11
C THR B 352 -56.91 24.37 -13.26
N VAL B 353 -57.14 23.08 -13.00
CA VAL B 353 -57.53 22.18 -14.08
C VAL B 353 -59.05 22.16 -14.25
N LYS B 354 -59.79 22.11 -13.14
CA LYS B 354 -61.24 22.22 -13.16
C LYS B 354 -61.72 23.67 -13.13
N ASN B 355 -60.83 24.61 -12.87
CA ASN B 355 -61.17 26.02 -12.71
C ASN B 355 -62.29 26.20 -11.68
N LYS B 356 -62.07 25.65 -10.48
CA LYS B 356 -63.01 25.82 -9.38
C LYS B 356 -62.24 26.09 -8.08
N ARG B 357 -62.82 26.94 -7.24
CA ARG B 357 -62.25 27.20 -5.93
C ARG B 357 -62.39 25.97 -5.04
N GLU B 358 -61.42 25.80 -4.14
CA GLU B 358 -61.47 24.80 -3.10
C GLU B 358 -61.06 25.44 -1.79
N LYS B 359 -61.81 25.16 -0.73
CA LYS B 359 -61.45 25.60 0.61
C LYS B 359 -60.57 24.56 1.27
N ILE B 360 -59.39 24.96 1.74
CA ILE B 360 -58.52 24.02 2.42
C ILE B 360 -59.09 23.72 3.81
N GLY B 361 -59.38 22.45 4.06
CA GLY B 361 -59.85 22.05 5.38
C GLY B 361 -58.71 21.48 6.20
N ARG B 362 -58.88 20.26 6.71
CA ARG B 362 -57.83 19.68 7.51
C ARG B 362 -56.73 19.10 6.62
N MET B 363 -55.49 19.29 7.05
CA MET B 363 -54.32 18.79 6.34
C MET B 363 -53.62 17.78 7.25
N LEU B 364 -53.03 16.75 6.64
CA LEU B 364 -52.49 15.63 7.40
C LEU B 364 -51.08 15.32 6.97
N LEU B 365 -50.21 15.12 7.97
CA LEU B 365 -48.92 14.47 7.80
C LEU B 365 -49.06 13.01 8.22
N MET B 366 -48.55 12.11 7.39
CA MET B 366 -48.61 10.68 7.66
C MET B 366 -47.25 10.25 8.19
N HIS B 367 -47.20 9.92 9.47
CA HIS B 367 -46.00 9.34 10.02
C HIS B 367 -46.10 7.82 9.98
N ALA B 368 -45.08 7.15 10.51
CA ALA B 368 -45.01 5.69 10.39
C ALA B 368 -46.23 5.03 11.03
N ASN B 369 -46.58 5.46 12.25
CA ASN B 369 -47.62 4.81 13.03
C ASN B 369 -48.79 5.71 13.38
N ASN B 370 -48.84 6.94 12.87
CA ASN B 370 -49.95 7.82 13.18
C ASN B 370 -50.09 8.89 12.10
N ARG B 371 -51.26 9.51 12.09
CA ARG B 371 -51.53 10.68 11.26
C ARG B 371 -51.58 11.91 12.16
N GLU B 372 -50.92 12.99 11.74
CA GLU B 372 -50.85 14.20 12.54
C GLU B 372 -51.57 15.33 11.82
N ASP B 373 -52.53 15.95 12.51
CA ASP B 373 -53.23 17.12 11.97
C ASP B 373 -52.32 18.33 12.01
N ILE B 374 -52.17 19.00 10.87
CA ILE B 374 -51.44 20.26 10.79
C ILE B 374 -52.36 21.34 10.24
N LYS B 375 -51.94 22.59 10.39
CA LYS B 375 -52.69 23.75 9.94
C LYS B 375 -51.93 24.63 8.97
N GLU B 376 -50.68 24.29 8.65
CA GLU B 376 -49.92 25.03 7.65
C GLU B 376 -49.00 24.05 6.92
N ALA B 377 -48.54 24.47 5.74
CA ALA B 377 -47.52 23.74 4.98
C ALA B 377 -46.96 24.65 3.91
N SER B 378 -45.81 24.27 3.35
CA SER B 378 -45.11 25.20 2.47
C SER B 378 -44.24 24.43 1.47
N ALA B 379 -43.56 25.18 0.61
CA ALA B 379 -42.84 24.61 -0.51
C ALA B 379 -41.95 23.46 -0.09
N GLY B 380 -41.86 22.44 -0.94
CA GLY B 380 -41.08 21.26 -0.67
C GLY B 380 -41.81 20.15 0.06
N ASP B 381 -42.90 20.46 0.77
CA ASP B 381 -43.63 19.53 1.62
C ASP B 381 -44.50 18.58 0.82
N ILE B 382 -44.93 17.52 1.51
CA ILE B 382 -45.85 16.51 0.99
C ILE B 382 -46.91 16.29 2.05
N VAL B 383 -48.12 16.81 1.81
CA VAL B 383 -49.24 16.70 2.73
C VAL B 383 -50.45 16.14 2.00
N ALA B 384 -51.39 15.65 2.79
CA ALA B 384 -52.64 15.10 2.31
C ALA B 384 -53.77 16.03 2.73
N LEU B 385 -54.53 16.53 1.75
CA LEU B 385 -55.68 17.38 2.02
C LEU B 385 -56.93 16.51 2.13
N ALA B 386 -57.61 16.60 3.25
CA ALA B 386 -58.85 15.85 3.44
C ALA B 386 -60.04 16.62 2.86
N GLY B 387 -60.98 15.86 2.31
CA GLY B 387 -62.32 16.36 2.00
C GLY B 387 -62.43 17.49 1.00
N LEU B 388 -61.66 17.45 -0.08
CA LEU B 388 -61.86 18.36 -1.19
C LEU B 388 -63.11 17.95 -1.99
N LYS B 389 -63.70 18.92 -2.68
CA LYS B 389 -65.00 18.66 -3.31
C LYS B 389 -64.84 18.01 -4.69
N ASP B 390 -63.95 18.55 -5.52
CA ASP B 390 -63.83 18.03 -6.89
C ASP B 390 -62.39 18.21 -7.38
N THR B 391 -61.49 17.40 -6.86
CA THR B 391 -60.10 17.43 -7.29
C THR B 391 -59.65 16.03 -7.70
N SER B 392 -58.92 15.94 -8.80
CA SER B 392 -58.42 14.67 -9.31
C SER B 392 -56.90 14.67 -9.28
N THR B 393 -56.32 13.48 -9.30
CA THR B 393 -54.87 13.40 -9.41
C THR B 393 -54.42 14.09 -10.69
N GLY B 394 -53.21 14.67 -10.65
CA GLY B 394 -52.73 15.49 -11.74
C GLY B 394 -53.23 16.91 -11.73
N ASP B 395 -54.24 17.22 -10.93
CA ASP B 395 -54.72 18.59 -10.82
C ASP B 395 -53.71 19.47 -10.12
N THR B 396 -53.74 20.76 -10.46
CA THR B 396 -52.93 21.77 -9.81
C THR B 396 -53.81 22.60 -8.88
N LEU B 397 -53.36 22.79 -7.64
CA LEU B 397 -53.96 23.77 -6.74
C LEU B 397 -53.06 24.99 -6.72
N SER B 398 -53.65 26.18 -6.85
CA SER B 398 -52.85 27.39 -7.00
C SER B 398 -53.47 28.53 -6.20
N ASP B 399 -52.65 29.56 -5.97
CA ASP B 399 -53.17 30.81 -5.46
C ASP B 399 -54.14 31.43 -6.46
N ILE B 400 -55.19 32.06 -5.94
CA ILE B 400 -56.18 32.68 -6.80
C ILE B 400 -55.62 33.93 -7.47
N ASP B 401 -54.57 34.53 -6.90
CA ASP B 401 -54.02 35.75 -7.44
C ASP B 401 -53.10 35.48 -8.63
N LYS B 402 -52.22 34.47 -8.51
CA LYS B 402 -51.33 34.07 -9.61
C LYS B 402 -51.62 32.60 -9.91
N GLN B 403 -52.40 32.35 -10.96
CA GLN B 403 -52.81 31.00 -11.27
C GLN B 403 -51.84 30.37 -12.25
N VAL B 404 -51.36 29.17 -11.92
CA VAL B 404 -50.47 28.41 -12.77
C VAL B 404 -51.02 26.99 -12.87
N VAL B 405 -50.77 26.34 -13.99
CA VAL B 405 -51.03 24.91 -14.16
C VAL B 405 -49.68 24.21 -14.24
N LEU B 406 -49.48 23.20 -13.40
CA LEU B 406 -48.22 22.48 -13.38
C LEU B 406 -48.31 21.26 -14.27
N GLU B 407 -47.15 20.85 -14.80
CA GLU B 407 -47.12 19.85 -15.86
C GLU B 407 -47.58 18.50 -15.34
N ARG B 408 -48.44 17.84 -16.12
CA ARG B 408 -48.98 16.53 -15.79
C ARG B 408 -49.25 15.77 -17.08
N MET B 409 -49.43 14.45 -16.95
CA MET B 409 -49.81 13.63 -18.09
C MET B 409 -51.28 13.84 -18.42
N GLU B 410 -51.57 14.19 -19.67
CA GLU B 410 -52.93 14.43 -20.13
C GLU B 410 -53.48 13.18 -20.81
N PHE B 411 -54.75 12.90 -20.56
CA PHE B 411 -55.29 11.66 -21.10
C PHE B 411 -56.36 11.93 -22.15
N PRO B 412 -56.38 11.15 -23.24
CA PRO B 412 -57.38 11.36 -24.29
C PRO B 412 -58.65 10.57 -24.05
N GLU B 413 -59.43 10.40 -25.12
CA GLU B 413 -60.65 9.61 -25.01
C GLU B 413 -60.30 8.16 -24.69
N PRO B 414 -61.09 7.50 -23.84
CA PRO B 414 -60.81 6.10 -23.50
C PRO B 414 -60.95 5.20 -24.72
N VAL B 415 -60.14 4.14 -24.74
CA VAL B 415 -60.06 3.26 -25.89
C VAL B 415 -60.35 1.80 -25.54
N ILE B 416 -60.55 1.48 -24.27
CA ILE B 416 -60.91 0.12 -23.86
C ILE B 416 -62.13 0.22 -22.94
N GLU B 417 -62.97 -0.80 -22.98
CA GLU B 417 -64.23 -0.75 -22.24
C GLU B 417 -64.49 -2.10 -21.59
N LEU B 418 -65.07 -2.08 -20.39
CA LEU B 418 -65.25 -3.30 -19.62
C LEU B 418 -66.59 -3.28 -18.91
N ALA B 419 -67.42 -4.27 -19.21
CA ALA B 419 -68.68 -4.44 -18.50
C ALA B 419 -68.40 -5.02 -17.13
N VAL B 420 -68.92 -4.37 -16.09
CA VAL B 420 -68.67 -4.78 -14.72
C VAL B 420 -70.00 -4.95 -14.01
N GLU B 421 -70.10 -6.01 -13.21
CA GLU B 421 -71.29 -6.34 -12.43
C GLU B 421 -70.87 -6.79 -11.05
N PRO B 422 -71.69 -6.56 -10.02
CA PRO B 422 -71.32 -6.98 -8.68
C PRO B 422 -71.54 -8.48 -8.47
N LYS B 423 -70.64 -9.08 -7.70
CA LYS B 423 -70.79 -10.49 -7.34
C LYS B 423 -72.11 -10.71 -6.60
N SER B 424 -72.47 -9.79 -5.71
CA SER B 424 -73.77 -9.80 -5.05
C SER B 424 -74.66 -8.77 -5.71
N THR B 425 -75.82 -9.21 -6.22
CA THR B 425 -76.70 -8.30 -6.93
C THR B 425 -77.20 -7.16 -6.04
N ALA B 426 -77.22 -7.35 -4.73
CA ALA B 426 -77.61 -6.28 -3.82
C ALA B 426 -76.54 -5.20 -3.72
N ASP B 427 -75.29 -5.53 -4.05
CA ASP B 427 -74.21 -4.55 -4.02
C ASP B 427 -74.24 -3.59 -5.19
N GLN B 428 -75.27 -3.66 -6.04
CA GLN B 428 -75.35 -2.78 -7.20
C GLN B 428 -75.33 -1.32 -6.79
N GLU B 429 -75.80 -1.02 -5.58
CA GLU B 429 -75.90 0.37 -5.15
C GLU B 429 -74.56 0.93 -4.73
N LYS B 430 -73.87 0.24 -3.81
CA LYS B 430 -72.55 0.69 -3.35
C LYS B 430 -71.57 0.80 -4.51
N MET B 431 -71.41 -0.29 -5.26
CA MET B 431 -70.74 -0.22 -6.55
C MET B 431 -71.46 0.78 -7.44
N GLY B 432 -70.71 1.41 -8.34
CA GLY B 432 -71.32 2.42 -9.17
C GLY B 432 -71.10 3.79 -8.57
N LEU B 433 -71.63 4.00 -7.35
CA LEU B 433 -71.21 5.15 -6.57
C LEU B 433 -69.70 5.11 -6.33
N ALA B 434 -69.21 3.98 -5.84
CA ALA B 434 -67.77 3.79 -5.65
C ALA B 434 -67.01 4.07 -6.94
N LEU B 435 -67.45 3.46 -8.05
CA LEU B 435 -66.80 3.69 -9.34
C LEU B 435 -66.88 5.15 -9.76
N SER B 436 -68.04 5.78 -9.55
CA SER B 436 -68.16 7.20 -9.86
C SER B 436 -67.17 8.02 -9.05
N ARG B 437 -66.96 7.66 -7.78
CA ARG B 437 -65.98 8.38 -6.97
C ARG B 437 -64.56 8.13 -7.50
N LEU B 438 -64.24 6.86 -7.77
CA LEU B 438 -62.94 6.56 -8.35
C LEU B 438 -62.74 7.27 -9.68
N ALA B 439 -63.78 7.30 -10.53
CA ALA B 439 -63.66 7.93 -11.84
C ALA B 439 -63.49 9.43 -11.73
N ALA B 440 -64.20 10.06 -10.79
CA ALA B 440 -64.03 11.50 -10.56
C ALA B 440 -62.64 11.83 -10.05
N GLU B 441 -62.02 10.93 -9.30
CA GLU B 441 -60.67 11.16 -8.79
C GLU B 441 -59.60 10.93 -9.84
N ASP B 442 -59.93 10.25 -10.93
CA ASP B 442 -58.94 9.76 -11.89
C ASP B 442 -59.23 10.22 -13.32
N PRO B 443 -58.48 11.17 -13.88
CA PRO B 443 -58.75 11.63 -15.24
C PRO B 443 -58.44 10.62 -16.33
N SER B 444 -57.89 9.46 -15.99
CA SER B 444 -57.55 8.48 -17.03
C SER B 444 -58.66 7.49 -17.31
N PHE B 445 -59.78 7.57 -16.59
CA PHE B 445 -60.85 6.63 -16.85
C PHE B 445 -62.19 7.21 -16.44
N ARG B 446 -63.25 6.63 -17.01
CA ARG B 446 -64.62 7.07 -16.81
C ARG B 446 -65.50 5.85 -16.62
N VAL B 447 -66.64 6.05 -15.97
CA VAL B 447 -67.62 4.99 -15.85
C VAL B 447 -68.94 5.47 -16.45
N SER B 448 -69.71 4.52 -17.00
CA SER B 448 -70.98 4.84 -17.62
C SER B 448 -71.97 3.71 -17.35
N THR B 449 -73.20 4.11 -17.03
CA THR B 449 -74.32 3.19 -16.89
C THR B 449 -75.36 3.54 -17.95
N ASP B 450 -75.73 2.56 -18.77
CA ASP B 450 -76.67 2.82 -19.84
C ASP B 450 -78.08 2.94 -19.30
N HIS B 451 -78.77 4.04 -19.64
CA HIS B 451 -80.07 4.33 -19.06
C HIS B 451 -81.05 3.20 -19.29
N GLU B 452 -81.03 2.60 -20.48
CA GLU B 452 -81.94 1.50 -20.77
C GLU B 452 -81.42 0.17 -20.24
N THR B 453 -80.10 -0.06 -20.35
CA THR B 453 -79.54 -1.37 -20.01
C THR B 453 -79.48 -1.58 -18.50
N GLY B 454 -78.95 -0.60 -17.77
CA GLY B 454 -78.52 -0.82 -16.41
C GLY B 454 -77.17 -1.48 -16.28
N GLN B 455 -76.64 -2.05 -17.36
CA GLN B 455 -75.27 -2.51 -17.39
C GLN B 455 -74.32 -1.33 -17.19
N THR B 456 -73.36 -1.50 -16.29
CA THR B 456 -72.38 -0.46 -16.03
C THR B 456 -71.04 -0.86 -16.63
N VAL B 457 -70.39 0.09 -17.30
CA VAL B 457 -69.16 -0.16 -18.03
C VAL B 457 -68.10 0.86 -17.61
N ILE B 458 -66.86 0.41 -17.47
CA ILE B 458 -65.75 1.31 -17.19
C ILE B 458 -64.88 1.41 -18.43
N LYS B 459 -64.34 2.61 -18.66
CA LYS B 459 -63.67 2.94 -19.90
C LYS B 459 -62.32 3.58 -19.57
N GLY B 460 -61.25 2.97 -20.06
CA GLY B 460 -59.92 3.45 -19.72
C GLY B 460 -58.91 3.24 -20.83
N MET B 461 -57.63 3.37 -20.48
CA MET B 461 -56.57 3.40 -21.46
C MET B 461 -55.92 2.05 -21.72
N GLY B 462 -56.28 1.02 -20.96
CA GLY B 462 -55.77 -0.31 -21.26
C GLY B 462 -56.33 -1.32 -20.28
N GLU B 463 -56.10 -2.59 -20.62
CA GLU B 463 -56.59 -3.69 -19.78
C GLU B 463 -55.96 -3.64 -18.40
N LEU B 464 -54.65 -3.38 -18.31
CA LEU B 464 -53.99 -3.33 -17.03
C LEU B 464 -54.59 -2.26 -16.13
N HIS B 465 -54.90 -1.09 -16.69
CA HIS B 465 -55.44 -0.02 -15.88
C HIS B 465 -56.82 -0.36 -15.31
N LEU B 466 -57.60 -1.15 -16.05
CA LEU B 466 -58.89 -1.57 -15.51
C LEU B 466 -58.72 -2.57 -14.38
N GLU B 467 -57.63 -3.34 -14.40
CA GLU B 467 -57.32 -4.22 -13.28
C GLU B 467 -57.23 -3.44 -11.98
N ILE B 468 -56.44 -2.37 -11.98
CA ILE B 468 -56.16 -1.65 -10.75
C ILE B 468 -57.38 -0.91 -10.25
N ILE B 469 -58.23 -0.42 -11.16
CA ILE B 469 -59.44 0.29 -10.75
C ILE B 469 -60.34 -0.65 -9.96
N ILE B 470 -60.55 -1.86 -10.48
CA ILE B 470 -61.39 -2.85 -9.82
C ILE B 470 -60.83 -3.20 -8.45
N ASP B 471 -59.51 -3.40 -8.36
CA ASP B 471 -58.90 -3.67 -7.07
C ASP B 471 -59.03 -2.49 -6.13
N ARG B 472 -58.79 -1.27 -6.63
CA ARG B 472 -58.98 -0.08 -5.82
C ARG B 472 -60.41 0.00 -5.28
N MET B 473 -61.38 -0.37 -6.10
CA MET B 473 -62.77 -0.40 -5.63
C MET B 473 -62.96 -1.50 -4.59
N ARG B 474 -62.21 -2.59 -4.68
CA ARG B 474 -62.40 -3.71 -3.76
C ARG B 474 -61.84 -3.38 -2.38
N ARG B 475 -60.62 -2.86 -2.31
CA ARG B 475 -60.01 -2.60 -1.01
C ARG B 475 -60.49 -1.30 -0.38
N GLU B 476 -60.80 -0.28 -1.18
CA GLU B 476 -61.18 1.01 -0.61
C GLU B 476 -62.67 1.15 -0.35
N PHE B 477 -63.52 0.34 -0.99
CA PHE B 477 -64.95 0.42 -0.77
C PHE B 477 -65.61 -0.91 -0.44
N LYS B 478 -64.83 -1.99 -0.36
CA LYS B 478 -65.32 -3.27 0.17
C LYS B 478 -66.48 -3.82 -0.66
N VAL B 479 -66.42 -3.66 -1.98
CA VAL B 479 -67.40 -4.25 -2.88
C VAL B 479 -66.64 -5.03 -3.95
N GLU B 480 -67.10 -6.25 -4.21
CA GLU B 480 -66.44 -7.15 -5.14
C GLU B 480 -67.32 -7.32 -6.37
N ALA B 481 -66.73 -7.19 -7.55
CA ALA B 481 -67.48 -7.16 -8.79
C ALA B 481 -66.97 -8.24 -9.75
N ASN B 482 -67.78 -8.52 -10.77
CA ASN B 482 -67.45 -9.43 -11.85
C ASN B 482 -67.24 -8.64 -13.12
N ILE B 483 -66.11 -8.87 -13.78
CA ILE B 483 -65.76 -8.14 -14.99
C ILE B 483 -65.85 -9.08 -16.20
N GLY B 484 -66.43 -8.58 -17.29
CA GLY B 484 -66.52 -9.32 -18.52
C GLY B 484 -65.26 -9.23 -19.36
N ALA B 485 -65.42 -9.19 -20.69
CA ALA B 485 -64.25 -9.18 -21.55
C ALA B 485 -63.95 -7.78 -22.06
N PRO B 486 -62.67 -7.39 -22.09
CA PRO B 486 -62.32 -6.03 -22.53
C PRO B 486 -62.59 -5.84 -24.02
N GLN B 487 -63.22 -4.71 -24.35
CA GLN B 487 -63.59 -4.38 -25.73
C GLN B 487 -62.81 -3.17 -26.22
N VAL B 488 -62.34 -3.25 -27.47
CA VAL B 488 -61.74 -2.10 -28.12
C VAL B 488 -62.81 -1.08 -28.48
N ALA B 489 -62.50 0.20 -28.24
CA ALA B 489 -63.43 1.28 -28.54
C ALA B 489 -63.19 1.73 -29.99
N TYR B 490 -63.77 0.96 -30.91
CA TYR B 490 -63.72 1.32 -32.33
C TYR B 490 -64.55 2.57 -32.58
N ARG B 491 -64.18 3.30 -33.64
CA ARG B 491 -64.91 4.48 -34.06
C ARG B 491 -65.27 4.36 -35.54
N GLU B 492 -66.00 5.36 -36.05
CA GLU B 492 -66.35 5.45 -37.46
C GLU B 492 -66.22 6.90 -37.91
N THR B 493 -65.99 7.08 -39.21
CA THR B 493 -65.89 8.42 -39.79
C THR B 493 -66.29 8.33 -41.25
N ILE B 494 -66.53 9.49 -41.85
CA ILE B 494 -66.73 9.56 -43.29
C ILE B 494 -65.41 9.98 -43.93
N THR B 495 -65.21 9.55 -45.17
CA THR B 495 -64.02 9.89 -45.93
C THR B 495 -64.30 10.91 -47.04
N THR B 496 -65.46 10.84 -47.66
CA THR B 496 -65.92 11.83 -48.64
C THR B 496 -67.12 12.58 -48.08
N ALA B 497 -67.36 13.76 -48.65
CA ALA B 497 -68.43 14.62 -48.16
C ALA B 497 -69.74 14.36 -48.93
N CYS B 498 -70.82 14.98 -48.45
CA CYS B 498 -72.14 14.70 -48.98
C CYS B 498 -73.15 15.68 -48.42
N GLU B 499 -74.00 16.22 -49.32
CA GLU B 499 -75.14 17.05 -48.96
C GLU B 499 -76.42 16.24 -49.07
N ILE B 500 -77.37 16.51 -48.18
CA ILE B 500 -78.63 15.77 -48.11
C ILE B 500 -79.74 16.75 -47.80
N ASP B 501 -80.81 16.71 -48.59
CA ASP B 501 -82.05 17.39 -48.26
C ASP B 501 -83.04 16.33 -47.84
N TYR B 502 -83.34 16.27 -46.54
CA TYR B 502 -84.19 15.23 -45.96
C TYR B 502 -85.54 15.84 -45.57
N THR B 503 -86.62 15.17 -45.96
CA THR B 503 -87.98 15.60 -45.63
C THR B 503 -88.66 14.51 -44.80
N HIS B 504 -89.31 14.93 -43.72
CA HIS B 504 -90.05 14.03 -42.85
C HIS B 504 -91.50 14.50 -42.78
N LYS B 505 -92.44 13.57 -42.90
CA LYS B 505 -93.86 13.91 -42.86
C LYS B 505 -94.71 12.75 -42.34
N GLN B 513 -96.72 15.53 -38.29
CA GLN B 513 -95.33 15.96 -38.21
C GLN B 513 -94.80 16.40 -39.56
N PHE B 514 -93.88 17.36 -39.55
CA PHE B 514 -93.26 17.86 -40.77
C PHE B 514 -91.96 18.56 -40.44
N ALA B 515 -90.91 18.27 -41.22
CA ALA B 515 -89.62 18.92 -41.06
C ALA B 515 -88.79 18.70 -42.33
N ARG B 516 -87.78 19.54 -42.50
CA ARG B 516 -86.91 19.48 -43.68
C ARG B 516 -85.61 20.20 -43.36
N VAL B 517 -84.48 19.50 -43.53
CA VAL B 517 -83.16 20.09 -43.37
C VAL B 517 -82.30 19.76 -44.58
N LYS B 518 -81.38 20.66 -44.90
CA LYS B 518 -80.40 20.50 -45.98
C LYS B 518 -79.02 20.59 -45.35
N ILE B 519 -78.54 19.45 -44.83
CA ILE B 519 -77.29 19.36 -44.09
C ILE B 519 -76.19 18.88 -45.03
N ILE B 520 -74.99 19.42 -44.86
CA ILE B 520 -73.79 18.95 -45.54
C ILE B 520 -72.88 18.31 -44.52
N PHE B 521 -72.50 17.05 -44.75
CA PHE B 521 -71.57 16.32 -43.89
C PHE B 521 -70.23 16.21 -44.59
N GLU B 522 -69.15 16.54 -43.88
CA GLU B 522 -67.84 16.56 -44.51
C GLU B 522 -66.76 16.09 -43.55
N PRO B 523 -65.85 15.24 -44.01
CA PRO B 523 -64.73 14.82 -43.16
C PRO B 523 -63.89 16.04 -42.76
N LEU B 524 -63.54 16.11 -41.48
CA LEU B 524 -62.81 17.28 -41.00
C LEU B 524 -61.44 17.41 -41.66
N LYS B 525 -60.81 16.29 -42.00
CA LYS B 525 -59.54 16.32 -42.71
C LYS B 525 -59.65 16.97 -44.09
N ASP B 526 -60.85 17.15 -44.63
CA ASP B 526 -61.05 17.82 -45.91
C ASP B 526 -61.85 19.11 -45.78
N VAL B 527 -62.08 19.60 -44.56
CA VAL B 527 -62.91 20.78 -44.34
C VAL B 527 -62.12 22.04 -44.70
N ILE B 528 -62.84 23.08 -45.09
CA ILE B 528 -62.23 24.36 -45.45
C ILE B 528 -63.04 25.49 -44.84
N ASP B 529 -62.89 25.71 -43.53
CA ASP B 529 -63.56 26.78 -42.83
C ASP B 529 -62.95 26.92 -41.44
N LEU B 530 -63.23 28.05 -40.81
CA LEU B 530 -62.84 28.40 -39.43
C LEU B 530 -61.62 27.64 -38.87
N THR B 538 -64.50 16.55 -31.73
CA THR B 538 -64.57 15.48 -32.72
C THR B 538 -65.74 15.70 -33.69
N PHE B 539 -66.62 16.63 -33.34
CA PHE B 539 -67.79 16.95 -34.16
C PHE B 539 -68.06 18.45 -34.08
N VAL B 540 -68.42 19.05 -35.22
CA VAL B 540 -68.73 20.47 -35.29
C VAL B 540 -70.10 20.65 -35.92
N PHE B 541 -70.82 21.68 -35.47
CA PHE B 541 -72.15 21.99 -36.00
C PHE B 541 -72.21 23.47 -36.34
N GLU B 542 -72.06 23.78 -37.62
CA GLU B 542 -72.24 25.14 -38.13
C GLU B 542 -73.60 25.25 -38.79
N SER B 543 -74.23 26.43 -38.64
CA SER B 543 -75.60 26.65 -39.10
C SER B 543 -75.61 27.87 -40.03
N LYS B 544 -75.24 27.66 -41.28
CA LYS B 544 -75.25 28.73 -42.27
C LYS B 544 -76.65 28.95 -42.81
N ILE B 545 -77.64 29.04 -41.93
CA ILE B 545 -79.04 29.19 -42.31
C ILE B 545 -79.43 30.66 -42.42
N TYR B 554 -85.67 27.01 -33.62
CA TYR B 554 -85.96 25.60 -33.89
C TYR B 554 -84.68 24.81 -34.20
N ILE B 555 -83.60 25.52 -34.47
CA ILE B 555 -82.30 24.93 -34.81
C ILE B 555 -81.75 23.99 -33.73
N PRO B 556 -81.96 24.24 -32.43
CA PRO B 556 -81.47 23.27 -31.43
C PRO B 556 -82.11 21.89 -31.56
N GLY B 557 -83.29 21.77 -32.15
CA GLY B 557 -83.87 20.45 -32.38
C GLY B 557 -83.02 19.61 -33.31
N VAL B 558 -82.51 20.22 -34.39
CA VAL B 558 -81.61 19.51 -35.29
C VAL B 558 -80.30 19.15 -34.59
N GLU B 559 -79.78 20.07 -33.77
CA GLU B 559 -78.49 19.81 -33.12
C GLU B 559 -78.60 18.70 -32.09
N LYS B 560 -79.71 18.65 -31.35
CA LYS B 560 -79.89 17.58 -30.37
C LYS B 560 -79.95 16.22 -31.05
N GLY B 561 -80.58 16.15 -32.22
CA GLY B 561 -80.72 14.87 -32.92
C GLY B 561 -79.40 14.29 -33.37
N LEU B 562 -78.54 15.12 -33.99
CA LEU B 562 -77.27 14.64 -34.53
C LEU B 562 -76.36 14.12 -33.41
N ASN B 563 -76.36 14.81 -32.27
CA ASN B 563 -75.49 14.39 -31.17
C ASN B 563 -75.96 13.10 -30.52
N ASN B 564 -77.24 12.79 -30.62
CA ASN B 564 -77.74 11.52 -30.10
C ASN B 564 -77.43 10.37 -31.06
N ILE B 565 -77.71 10.56 -32.35
CA ILE B 565 -77.62 9.47 -33.31
C ILE B 565 -76.17 9.13 -33.65
N ARG B 566 -75.26 10.10 -33.57
CA ARG B 566 -73.87 9.86 -33.94
C ARG B 566 -73.18 8.85 -33.03
N GLU B 567 -73.78 8.54 -31.87
CA GLU B 567 -73.26 7.48 -31.02
C GLU B 567 -73.47 6.10 -31.62
N THR B 568 -74.36 6.00 -32.59
CA THR B 568 -74.78 4.73 -33.19
C THR B 568 -74.45 4.77 -34.68
N GLY B 569 -73.17 4.63 -34.99
CA GLY B 569 -72.67 4.70 -36.35
C GLY B 569 -73.38 3.84 -37.36
N VAL B 570 -73.23 4.17 -38.64
CA VAL B 570 -73.98 3.50 -39.70
C VAL B 570 -73.33 2.21 -40.19
N ILE B 571 -72.11 1.90 -39.75
CA ILE B 571 -71.46 0.68 -40.18
C ILE B 571 -71.68 -0.45 -39.17
N ALA B 572 -71.54 -0.16 -37.89
CA ALA B 572 -71.49 -1.26 -36.92
C ALA B 572 -71.78 -0.81 -35.49
N GLY B 573 -72.45 0.32 -35.29
CA GLY B 573 -72.87 0.75 -33.97
C GLY B 573 -71.90 1.65 -33.22
N TYR B 574 -70.70 1.87 -33.75
CA TYR B 574 -69.71 2.63 -33.00
C TYR B 574 -69.86 4.12 -33.23
N PRO B 575 -69.38 4.95 -32.30
CA PRO B 575 -69.62 6.40 -32.41
C PRO B 575 -68.92 7.01 -33.61
N MET B 576 -69.65 7.84 -34.34
CA MET B 576 -69.08 8.54 -35.49
C MET B 576 -68.36 9.80 -35.04
N ILE B 577 -67.12 9.97 -35.50
CA ILE B 577 -66.28 11.09 -35.12
C ILE B 577 -65.60 11.64 -36.38
N ASP B 578 -64.88 12.76 -36.21
CA ASP B 578 -64.03 13.34 -37.26
C ASP B 578 -64.86 13.74 -38.49
N PHE B 579 -65.89 14.56 -38.24
CA PHE B 579 -66.73 15.07 -39.31
C PHE B 579 -67.48 16.29 -38.80
N LYS B 580 -67.99 17.09 -39.74
CA LYS B 580 -68.78 18.26 -39.42
C LYS B 580 -70.09 18.24 -40.19
N ALA B 581 -71.11 18.84 -39.58
CA ALA B 581 -72.43 18.96 -40.19
C ALA B 581 -72.78 20.43 -40.31
N THR B 582 -73.16 20.86 -41.50
CA THR B 582 -73.50 22.25 -41.79
C THR B 582 -74.92 22.29 -42.33
N LEU B 583 -75.81 22.97 -41.60
CA LEU B 583 -77.22 23.02 -41.96
C LEU B 583 -77.50 24.27 -42.79
N VAL B 584 -78.29 24.10 -43.85
CA VAL B 584 -78.70 25.24 -44.67
C VAL B 584 -80.21 25.45 -44.54
N LEU B 596 -89.44 18.75 -31.29
CA LEU B 596 -89.02 17.41 -31.71
C LEU B 596 -89.14 17.26 -33.22
N ALA B 597 -89.69 18.30 -33.86
CA ALA B 597 -89.97 18.22 -35.29
C ALA B 597 -88.69 18.03 -36.10
N PHE B 598 -87.72 18.93 -35.92
CA PHE B 598 -86.50 18.90 -36.69
C PHE B 598 -85.41 18.02 -36.08
N GLU B 599 -85.74 17.24 -35.04
CA GLU B 599 -84.82 16.25 -34.50
C GLU B 599 -84.96 14.90 -35.17
N ILE B 600 -86.12 14.61 -35.77
CA ILE B 600 -86.28 13.37 -36.54
C ILE B 600 -85.72 13.55 -37.94
N ALA B 601 -86.00 14.68 -38.58
CA ALA B 601 -85.45 14.95 -39.91
C ALA B 601 -83.93 15.07 -39.86
N ALA B 602 -83.38 15.51 -38.73
CA ALA B 602 -81.93 15.53 -38.59
C ALA B 602 -81.37 14.12 -38.52
N LYS B 603 -81.98 13.27 -37.69
CA LYS B 603 -81.50 11.90 -37.56
C LYS B 603 -81.71 11.11 -38.84
N GLY B 604 -82.84 11.32 -39.51
CA GLY B 604 -83.07 10.66 -40.79
C GLY B 604 -82.04 11.06 -41.84
N ALA B 605 -81.69 12.35 -41.87
CA ALA B 605 -80.62 12.78 -42.77
C ALA B 605 -79.31 12.09 -42.44
N PHE B 606 -78.97 12.04 -41.15
CA PHE B 606 -77.74 11.38 -40.70
C PHE B 606 -77.70 9.94 -41.17
N ARG B 607 -78.73 9.15 -40.86
CA ARG B 607 -78.68 7.73 -41.18
C ARG B 607 -78.59 7.49 -42.69
N GLU B 608 -79.15 8.38 -43.50
CA GLU B 608 -78.98 8.26 -44.94
C GLU B 608 -77.71 8.95 -45.43
N GLY B 609 -77.48 10.18 -44.98
CA GLY B 609 -76.34 10.95 -45.46
C GLY B 609 -74.98 10.41 -45.02
N MET B 610 -74.93 9.60 -43.98
CA MET B 610 -73.63 9.06 -43.60
C MET B 610 -73.20 7.91 -44.48
N GLN B 611 -74.16 7.18 -45.07
CA GLN B 611 -73.81 6.12 -45.99
C GLN B 611 -73.19 6.65 -47.27
N LYS B 612 -73.50 7.89 -47.66
CA LYS B 612 -73.00 8.47 -48.89
C LYS B 612 -71.67 9.19 -48.72
N GLY B 613 -71.07 9.14 -47.53
CA GLY B 613 -69.76 9.73 -47.31
C GLY B 613 -68.65 8.70 -47.23
N ASN B 614 -68.89 7.51 -47.76
CA ASN B 614 -67.97 6.37 -47.70
C ASN B 614 -67.48 6.18 -46.26
N PRO B 615 -68.34 5.72 -45.37
CA PRO B 615 -67.94 5.57 -43.97
C PRO B 615 -66.93 4.45 -43.83
N LYS B 616 -66.07 4.57 -42.82
CA LYS B 616 -65.05 3.56 -42.58
C LYS B 616 -64.87 3.35 -41.09
N LEU B 617 -64.57 2.10 -40.72
CA LEU B 617 -64.26 1.80 -39.32
C LEU B 617 -62.85 2.25 -38.98
N LEU B 618 -62.68 2.72 -37.75
CA LEU B 618 -61.41 3.19 -37.21
C LEU B 618 -61.06 2.37 -35.98
N GLU B 619 -59.78 2.03 -35.85
CA GLU B 619 -59.34 1.38 -34.63
C GLU B 619 -58.28 2.24 -33.96
N PRO B 620 -58.26 2.27 -32.64
CA PRO B 620 -57.23 3.07 -31.94
C PRO B 620 -55.87 2.44 -32.13
N ILE B 621 -54.88 3.27 -32.49
CA ILE B 621 -53.48 2.86 -32.57
C ILE B 621 -52.73 3.49 -31.40
N MET B 622 -51.91 2.68 -30.73
CA MET B 622 -51.19 3.07 -29.51
C MET B 622 -49.71 3.30 -29.80
N LYS B 623 -49.13 4.28 -29.12
CA LYS B 623 -47.68 4.46 -29.10
C LYS B 623 -47.12 3.54 -28.01
N VAL B 624 -46.32 2.56 -28.43
CA VAL B 624 -45.74 1.57 -27.52
C VAL B 624 -44.24 1.79 -27.47
N GLU B 625 -43.72 1.87 -26.26
CA GLU B 625 -42.30 2.11 -26.02
C GLU B 625 -41.79 0.97 -25.16
N VAL B 626 -40.78 0.25 -25.65
CA VAL B 626 -40.27 -0.95 -24.99
C VAL B 626 -38.78 -0.75 -24.64
N ILE B 627 -38.46 -0.85 -23.34
CA ILE B 627 -37.09 -0.80 -22.85
C ILE B 627 -36.62 -2.22 -22.60
N THR B 628 -35.57 -2.64 -23.30
CA THR B 628 -35.13 -4.03 -23.25
C THR B 628 -33.62 -4.13 -23.33
N PRO B 629 -33.02 -5.10 -22.64
CA PRO B 629 -31.62 -5.45 -22.91
C PRO B 629 -31.49 -5.97 -24.34
N ASP B 630 -30.34 -5.68 -24.94
CA ASP B 630 -30.18 -5.84 -26.39
C ASP B 630 -30.45 -7.26 -26.86
N GLU B 631 -30.23 -8.26 -26.01
CA GLU B 631 -30.31 -9.65 -26.47
C GLU B 631 -31.74 -10.09 -26.78
N TYR B 632 -32.74 -9.35 -26.32
CA TYR B 632 -34.13 -9.70 -26.58
C TYR B 632 -34.75 -8.86 -27.69
N MET B 633 -33.95 -7.99 -28.32
CA MET B 633 -34.46 -7.07 -29.33
C MET B 633 -35.14 -7.78 -30.48
N GLY B 634 -34.43 -8.72 -31.12
CA GLY B 634 -34.97 -9.38 -32.30
C GLY B 634 -36.33 -9.97 -32.07
N ASP B 635 -36.52 -10.63 -30.92
CA ASP B 635 -37.80 -11.28 -30.67
C ASP B 635 -38.87 -10.27 -30.26
N ILE B 636 -38.51 -9.27 -29.47
CA ILE B 636 -39.49 -8.24 -29.14
C ILE B 636 -39.96 -7.52 -30.40
N ILE B 637 -39.05 -7.28 -31.34
CA ILE B 637 -39.39 -6.49 -32.52
C ILE B 637 -40.24 -7.30 -33.48
N GLY B 638 -39.91 -8.59 -33.66
CA GLY B 638 -40.70 -9.43 -34.52
C GLY B 638 -42.11 -9.65 -33.98
N ASP B 639 -42.23 -9.73 -32.66
CA ASP B 639 -43.54 -9.86 -32.02
C ASP B 639 -44.36 -8.60 -32.26
N LEU B 640 -43.76 -7.42 -32.05
CA LEU B 640 -44.45 -6.17 -32.33
C LEU B 640 -44.92 -6.13 -33.77
N ASN B 641 -44.08 -6.60 -34.69
CA ASN B 641 -44.45 -6.61 -36.10
C ASN B 641 -45.53 -7.66 -36.38
N SER B 642 -45.54 -8.75 -35.62
CA SER B 642 -46.60 -9.74 -35.74
C SER B 642 -47.94 -9.22 -35.24
N ARG B 643 -47.94 -8.17 -34.42
CA ARG B 643 -49.17 -7.55 -33.96
C ARG B 643 -49.60 -6.41 -34.87
N ARG B 644 -49.20 -6.44 -36.15
CA ARG B 644 -49.48 -5.34 -37.09
C ARG B 644 -48.85 -4.04 -36.61
N GLY B 645 -47.77 -4.13 -35.84
CA GLY B 645 -47.07 -2.94 -35.41
C GLY B 645 -46.14 -2.40 -36.49
N GLN B 646 -45.89 -1.09 -36.41
CA GLN B 646 -44.82 -0.49 -37.21
C GLN B 646 -43.83 0.14 -36.26
N ILE B 647 -42.55 -0.20 -36.43
CA ILE B 647 -41.49 0.31 -35.59
C ILE B 647 -41.15 1.72 -36.04
N GLN B 648 -41.18 2.67 -35.11
CA GLN B 648 -40.86 4.06 -35.38
C GLN B 648 -39.37 4.34 -35.22
N ASN B 649 -38.76 3.84 -34.16
CA ASN B 649 -37.37 4.14 -33.90
C ASN B 649 -36.80 3.18 -32.86
N MET B 650 -35.48 3.03 -32.91
CA MET B 650 -34.72 2.36 -31.86
C MET B 650 -33.57 3.26 -31.48
N ASP B 651 -33.35 3.43 -30.17
CA ASP B 651 -32.29 4.25 -29.64
C ASP B 651 -31.66 3.51 -28.46
N PRO B 652 -30.33 3.45 -28.39
CA PRO B 652 -29.70 3.01 -27.14
C PRO B 652 -29.96 4.02 -26.03
N ARG B 653 -30.24 3.51 -24.84
CA ARG B 653 -30.34 4.32 -23.63
C ARG B 653 -29.51 3.59 -22.58
N GLY B 654 -28.29 4.06 -22.38
CA GLY B 654 -27.35 3.25 -21.61
C GLY B 654 -27.02 1.98 -22.37
N ASN B 655 -26.96 0.86 -21.64
CA ASN B 655 -26.73 -0.44 -22.22
C ASN B 655 -28.02 -1.18 -22.52
N ALA B 656 -29.12 -0.45 -22.71
CA ALA B 656 -30.39 -1.05 -23.10
C ALA B 656 -30.90 -0.33 -24.34
N GLN B 657 -31.89 -0.92 -24.99
CA GLN B 657 -32.52 -0.32 -26.17
C GLN B 657 -33.92 0.16 -25.81
N VAL B 658 -34.33 1.25 -26.44
CA VAL B 658 -35.69 1.75 -26.34
C VAL B 658 -36.33 1.63 -27.73
N VAL B 659 -37.29 0.73 -27.86
CA VAL B 659 -38.03 0.56 -29.11
C VAL B 659 -39.34 1.32 -29.01
N THR B 660 -39.63 2.16 -30.00
CA THR B 660 -40.88 2.89 -30.06
C THR B 660 -41.67 2.40 -31.27
N ALA B 661 -42.91 1.97 -31.04
CA ALA B 661 -43.72 1.40 -32.11
C ALA B 661 -45.14 1.95 -32.07
N HIS B 662 -45.81 1.85 -33.21
CA HIS B 662 -47.24 2.09 -33.35
C HIS B 662 -47.93 0.76 -33.56
N VAL B 663 -48.78 0.39 -32.61
CA VAL B 663 -49.45 -0.91 -32.61
C VAL B 663 -50.94 -0.68 -32.40
N PRO B 664 -51.83 -1.39 -33.09
CA PRO B 664 -53.25 -1.28 -32.76
C PRO B 664 -53.52 -1.87 -31.38
N LEU B 665 -54.28 -1.13 -30.58
CA LEU B 665 -54.75 -1.63 -29.29
C LEU B 665 -55.28 -3.06 -29.41
N ALA B 666 -56.07 -3.33 -30.46
CA ALA B 666 -56.67 -4.65 -30.63
C ALA B 666 -55.64 -5.77 -30.59
N GLU B 667 -54.41 -5.49 -30.97
CA GLU B 667 -53.36 -6.49 -31.03
C GLU B 667 -52.46 -6.53 -29.79
N MET B 668 -52.80 -5.77 -28.73
CA MET B 668 -51.93 -5.63 -27.57
C MET B 668 -52.42 -6.37 -26.34
N PHE B 669 -53.50 -7.14 -26.41
CA PHE B 669 -54.00 -7.83 -25.24
C PHE B 669 -53.00 -8.90 -24.80
N GLY B 670 -52.82 -9.01 -23.49
CA GLY B 670 -51.86 -9.97 -22.96
C GLY B 670 -50.42 -9.65 -23.27
N TYR B 671 -50.10 -8.40 -23.58
CA TYR B 671 -48.73 -8.07 -23.96
C TYR B 671 -47.78 -8.23 -22.78
N VAL B 672 -48.20 -7.78 -21.60
CA VAL B 672 -47.39 -7.89 -20.39
C VAL B 672 -46.81 -9.29 -20.26
N ASN B 673 -47.67 -10.30 -20.47
CA ASN B 673 -47.22 -11.67 -20.34
C ASN B 673 -46.21 -12.01 -21.42
N THR B 674 -46.52 -11.64 -22.67
CA THR B 674 -45.62 -11.97 -23.77
C THR B 674 -44.28 -11.28 -23.60
N LEU B 675 -44.29 -9.99 -23.27
CA LEU B 675 -43.06 -9.25 -23.09
C LEU B 675 -42.21 -9.84 -21.98
N ARG B 676 -42.84 -10.31 -20.91
CA ARG B 676 -42.08 -10.88 -19.81
C ARG B 676 -41.41 -12.18 -20.25
N SER B 677 -42.15 -13.06 -20.91
CA SER B 677 -41.60 -14.35 -21.30
C SER B 677 -40.66 -14.27 -22.49
N LEU B 678 -40.63 -13.15 -23.22
CA LEU B 678 -39.65 -12.98 -24.27
C LEU B 678 -38.36 -12.35 -23.76
N SER B 679 -38.36 -11.83 -22.54
CA SER B 679 -37.24 -11.06 -22.05
C SER B 679 -36.76 -11.54 -20.69
N GLN B 680 -37.17 -12.74 -20.27
CA GLN B 680 -36.87 -13.27 -18.94
C GLN B 680 -37.13 -12.22 -17.85
N GLY B 681 -38.22 -11.49 -18.02
CA GLY B 681 -38.67 -10.52 -17.05
C GLY B 681 -37.93 -9.21 -17.07
N ARG B 682 -36.97 -9.05 -17.96
CA ARG B 682 -36.04 -7.92 -17.88
C ARG B 682 -36.46 -6.74 -18.74
N ALA B 683 -37.51 -6.89 -19.54
CA ALA B 683 -38.01 -5.78 -20.33
C ALA B 683 -39.31 -5.24 -19.75
N GLN B 684 -39.60 -3.99 -20.11
CA GLN B 684 -40.77 -3.26 -19.63
C GLN B 684 -41.38 -2.51 -20.81
N PHE B 685 -42.63 -2.07 -20.66
CA PHE B 685 -43.21 -1.27 -21.73
C PHE B 685 -44.17 -0.24 -21.18
N SER B 686 -44.36 0.84 -21.95
CA SER B 686 -45.43 1.79 -21.74
C SER B 686 -46.28 1.90 -22.99
N MET B 687 -47.53 2.30 -22.81
CA MET B 687 -48.52 2.37 -23.89
C MET B 687 -49.42 3.58 -23.67
N ILE B 688 -49.43 4.49 -24.63
CA ILE B 688 -50.36 5.60 -24.61
C ILE B 688 -51.08 5.63 -25.96
N PHE B 689 -52.20 6.37 -25.99
CA PHE B 689 -52.95 6.49 -27.23
C PHE B 689 -52.20 7.38 -28.21
N SER B 690 -52.25 7.01 -29.48
CA SER B 690 -51.58 7.76 -30.55
C SER B 690 -52.58 8.35 -31.53
N HIS B 691 -53.32 7.52 -32.27
CA HIS B 691 -54.29 8.01 -33.22
C HIS B 691 -55.28 6.91 -33.58
N TYR B 692 -56.29 7.30 -34.33
CA TYR B 692 -57.15 6.35 -35.03
C TYR B 692 -56.69 6.28 -36.48
N ASP B 693 -56.71 5.09 -37.06
CA ASP B 693 -56.63 5.00 -38.51
C ASP B 693 -57.54 3.86 -38.97
N GLN B 694 -57.78 3.82 -40.28
CA GLN B 694 -58.72 2.86 -40.83
C GLN B 694 -58.21 1.44 -40.63
N VAL B 695 -59.13 0.48 -40.73
CA VAL B 695 -58.82 -0.91 -40.44
C VAL B 695 -58.74 -1.72 -41.73
N PRO B 696 -57.98 -2.81 -41.75
CA PRO B 696 -57.97 -3.67 -42.94
C PRO B 696 -59.35 -4.29 -43.17
N SER B 697 -59.62 -4.62 -44.44
CA SER B 697 -60.93 -5.12 -44.81
C SER B 697 -61.31 -6.36 -44.01
N GLN B 698 -60.35 -7.26 -43.80
CA GLN B 698 -60.62 -8.49 -43.06
C GLN B 698 -60.86 -8.19 -41.58
N VAL B 699 -60.33 -7.09 -41.06
CA VAL B 699 -60.68 -6.68 -39.71
C VAL B 699 -62.09 -6.10 -39.67
N ALA B 700 -62.40 -5.22 -40.64
CA ALA B 700 -63.75 -4.66 -40.73
C ALA B 700 -64.81 -5.75 -40.77
N ASP B 701 -64.54 -6.83 -41.51
CA ASP B 701 -65.47 -7.95 -41.59
C ASP B 701 -65.65 -8.62 -40.22
N MET B 702 -64.56 -8.81 -39.47
CA MET B 702 -64.68 -9.45 -38.17
C MET B 702 -65.44 -8.56 -37.19
N ILE B 703 -65.20 -7.25 -37.26
CA ILE B 703 -65.95 -6.31 -36.41
C ILE B 703 -67.44 -6.41 -36.68
N LYS B 704 -67.83 -6.50 -37.96
CA LYS B 704 -69.24 -6.63 -38.32
C LYS B 704 -69.83 -7.99 -37.98
N ALA B 705 -69.03 -8.92 -37.48
CA ALA B 705 -69.50 -10.28 -37.16
C ALA B 705 -69.91 -10.43 -35.70
N LYS B 706 -69.13 -9.90 -34.76
CA LYS B 706 -69.46 -10.00 -33.34
C LYS B 706 -70.76 -9.28 -33.03
#